data_2LLK
#
_entry.id   2LLK
#
_entity_poly.entity_id   1
_entity_poly.type   'polypeptide(L)'
_entity_poly.pdbx_seq_one_letter_code
;MHHHHHHSSGRENLYFQGDRNHVGKYTPEEIEKLKELRIKHGNDWATIGAALGRSASSVKDRCRLMKDTCNTG
;
_entity_poly.pdbx_strand_id   A
#
# COMPACT_ATOMS: atom_id res chain seq x y z
N ASP A 19 -10.78 -15.36 -4.07
CA ASP A 19 -11.35 -14.69 -2.88
C ASP A 19 -10.23 -13.98 -2.07
N ARG A 20 -10.44 -12.67 -1.80
CA ARG A 20 -9.53 -11.84 -0.98
C ARG A 20 -10.32 -11.05 0.09
N ASN A 21 -11.55 -11.52 0.38
CA ASN A 21 -12.47 -10.84 1.30
C ASN A 21 -11.99 -10.97 2.78
N HIS A 22 -11.23 -9.95 3.25
CA HIS A 22 -10.72 -9.85 4.64
C HIS A 22 -10.11 -8.45 4.87
N VAL A 23 -10.86 -7.41 4.43
CA VAL A 23 -10.40 -6.00 4.47
C VAL A 23 -10.13 -5.51 5.92
N GLY A 24 -8.99 -4.82 6.09
CA GLY A 24 -8.63 -4.14 7.34
C GLY A 24 -8.71 -2.63 7.18
N LYS A 25 -7.59 -1.94 7.44
CA LYS A 25 -7.50 -0.48 7.23
C LYS A 25 -7.27 -0.20 5.73
N TYR A 26 -6.56 -1.13 5.07
CA TYR A 26 -6.25 -1.06 3.65
C TYR A 26 -7.29 -1.85 2.85
N THR A 27 -8.06 -1.15 2.00
CA THR A 27 -9.01 -1.76 1.06
C THR A 27 -8.26 -2.28 -0.18
N PRO A 28 -8.79 -3.33 -0.92
CA PRO A 28 -8.16 -3.83 -2.18
C PRO A 28 -7.95 -2.72 -3.23
N GLU A 29 -8.78 -1.65 -3.17
CA GLU A 29 -8.63 -0.45 -4.01
C GLU A 29 -7.37 0.35 -3.60
N GLU A 30 -7.19 0.56 -2.28
CA GLU A 30 -6.02 1.28 -1.71
C GLU A 30 -4.69 0.56 -2.01
N ILE A 31 -4.73 -0.77 -1.94
CA ILE A 31 -3.54 -1.61 -2.18
C ILE A 31 -3.19 -1.61 -3.67
N GLU A 32 -4.21 -1.77 -4.53
CA GLU A 32 -4.05 -1.65 -6.00
C GLU A 32 -3.55 -0.25 -6.38
N LYS A 33 -4.03 0.77 -5.63
CA LYS A 33 -3.71 2.18 -5.87
C LYS A 33 -2.25 2.49 -5.46
N LEU A 34 -1.76 1.85 -4.37
CA LEU A 34 -0.39 2.05 -3.90
C LEU A 34 0.58 1.42 -4.90
N LYS A 35 0.17 0.27 -5.46
CA LYS A 35 0.92 -0.46 -6.51
C LYS A 35 0.88 0.26 -7.87
N GLU A 36 -0.24 0.97 -8.14
CA GLU A 36 -0.45 1.81 -9.33
C GLU A 36 0.53 3.01 -9.28
N LEU A 37 0.46 3.73 -8.16
CA LEU A 37 1.31 4.90 -7.87
C LEU A 37 2.79 4.49 -7.71
N ARG A 38 3.02 3.24 -7.31
CA ARG A 38 4.38 2.69 -7.11
C ARG A 38 5.18 2.72 -8.42
N ILE A 39 4.54 2.25 -9.50
CA ILE A 39 5.16 2.20 -10.84
C ILE A 39 5.16 3.61 -11.47
N LYS A 40 4.04 4.34 -11.26
CA LYS A 40 3.78 5.66 -11.86
C LYS A 40 4.75 6.75 -11.31
N HIS A 41 5.10 6.64 -10.03
CA HIS A 41 6.04 7.57 -9.36
C HIS A 41 7.46 6.97 -9.34
N GLY A 42 7.57 5.71 -8.92
CA GLY A 42 8.85 4.99 -8.86
C GLY A 42 9.25 4.67 -7.42
N ASN A 43 9.60 5.73 -6.65
CA ASN A 43 10.17 5.60 -5.29
C ASN A 43 9.50 6.59 -4.30
N ASP A 44 8.47 7.32 -4.77
CA ASP A 44 7.80 8.39 -3.99
C ASP A 44 6.69 7.79 -3.08
N TRP A 45 7.12 6.94 -2.13
CA TRP A 45 6.21 6.27 -1.17
C TRP A 45 5.53 7.29 -0.24
N ALA A 46 6.22 8.40 0.00
CA ALA A 46 5.70 9.54 0.79
C ALA A 46 4.45 10.13 0.15
N THR A 47 4.51 10.30 -1.17
CA THR A 47 3.40 10.86 -1.98
C THR A 47 2.25 9.82 -2.12
N ILE A 48 2.63 8.53 -2.24
CA ILE A 48 1.67 7.40 -2.31
C ILE A 48 0.79 7.36 -1.03
N GLY A 49 1.47 7.29 0.13
CA GLY A 49 0.82 7.27 1.44
C GLY A 49 0.03 8.55 1.72
N ALA A 50 0.58 9.70 1.28
CA ALA A 50 -0.07 11.03 1.44
C ALA A 50 -1.40 11.11 0.70
N ALA A 51 -1.49 10.43 -0.45
CA ALA A 51 -2.73 10.32 -1.25
C ALA A 51 -3.73 9.37 -0.56
N LEU A 52 -3.22 8.25 -0.04
CA LEU A 52 -4.04 7.18 0.56
C LEU A 52 -4.53 7.52 1.99
N GLY A 53 -3.89 8.52 2.64
CA GLY A 53 -4.17 8.82 4.05
C GLY A 53 -3.59 7.76 4.99
N ARG A 54 -2.44 7.22 4.60
CA ARG A 54 -1.71 6.15 5.30
C ARG A 54 -0.26 6.58 5.55
N SER A 55 0.46 5.80 6.37
CA SER A 55 1.89 6.02 6.60
C SER A 55 2.69 5.54 5.36
N ALA A 56 3.61 6.39 4.89
CA ALA A 56 4.51 6.11 3.76
C ALA A 56 5.33 4.83 4.02
N SER A 57 5.81 4.73 5.28
CA SER A 57 6.59 3.58 5.78
C SER A 57 5.76 2.27 5.70
N SER A 58 4.46 2.38 6.01
CA SER A 58 3.56 1.22 6.13
C SER A 58 3.12 0.70 4.74
N VAL A 59 2.85 1.61 3.77
CA VAL A 59 2.51 1.20 2.38
C VAL A 59 3.74 0.57 1.69
N LYS A 60 4.93 1.10 2.03
CA LYS A 60 6.21 0.62 1.53
C LYS A 60 6.51 -0.80 2.07
N ASP A 61 6.28 -0.98 3.39
CA ASP A 61 6.52 -2.26 4.09
C ASP A 61 5.51 -3.33 3.68
N ARG A 62 4.25 -2.91 3.44
CA ARG A 62 3.15 -3.80 3.02
C ARG A 62 3.43 -4.39 1.63
N CYS A 63 3.88 -3.50 0.72
CA CYS A 63 4.23 -3.87 -0.67
C CYS A 63 5.54 -4.69 -0.73
N ARG A 64 6.50 -4.35 0.16
CA ARG A 64 7.79 -5.03 0.24
C ARG A 64 7.60 -6.49 0.71
N LEU A 65 6.73 -6.67 1.73
CA LEU A 65 6.38 -7.99 2.26
C LEU A 65 5.71 -8.80 1.13
N MET A 66 4.73 -8.11 0.43
CA MET A 66 3.99 -8.64 -0.75
C MET A 66 2.97 -9.72 -0.33
N LYS A 67 3.49 -10.82 0.23
CA LYS A 67 2.70 -11.88 0.88
C LYS A 67 2.31 -11.43 2.30
N ASP A 68 1.62 -12.32 3.03
CA ASP A 68 1.27 -12.10 4.45
C ASP A 68 1.10 -13.46 5.14
N THR A 69 2.00 -13.78 6.08
CA THR A 69 1.90 -15.00 6.91
C THR A 69 0.85 -14.77 8.02
N CYS A 70 -0.42 -14.99 7.65
CA CYS A 70 -1.58 -14.82 8.53
C CYS A 70 -1.65 -15.95 9.58
N ASN A 71 -1.21 -17.16 9.18
CA ASN A 71 -1.18 -18.35 10.06
C ASN A 71 0.17 -18.44 10.77
N THR A 72 0.12 -18.93 12.02
CA THR A 72 1.32 -19.20 12.83
C THR A 72 2.04 -20.47 12.29
N GLY A 73 1.24 -21.50 11.97
CA GLY A 73 1.74 -22.76 11.41
C GLY A 73 0.93 -23.95 11.90
N ASP A 19 -23.52 8.30 10.19
CA ASP A 19 -22.77 7.40 11.09
C ASP A 19 -21.82 6.49 10.26
N ARG A 20 -20.50 6.70 10.47
CA ARG A 20 -19.42 5.91 9.84
C ARG A 20 -18.39 5.55 10.92
N ASN A 21 -18.66 4.47 11.65
CA ASN A 21 -17.80 3.97 12.72
C ASN A 21 -17.20 2.60 12.32
N HIS A 22 -16.06 2.64 11.59
CA HIS A 22 -15.27 1.46 11.28
C HIS A 22 -13.93 1.89 10.66
N VAL A 23 -12.94 2.11 11.54
CA VAL A 23 -11.56 2.47 11.15
C VAL A 23 -10.61 1.37 11.64
N GLY A 24 -10.15 0.53 10.71
CA GLY A 24 -9.22 -0.56 11.00
C GLY A 24 -8.37 -0.88 9.78
N LYS A 25 -8.76 -1.91 9.03
CA LYS A 25 -8.01 -2.40 7.86
C LYS A 25 -8.30 -1.54 6.61
N TYR A 26 -7.56 -1.82 5.52
CA TYR A 26 -7.66 -1.07 4.26
C TYR A 26 -8.78 -1.62 3.37
N THR A 27 -9.25 -0.80 2.42
CA THR A 27 -10.06 -1.28 1.31
C THR A 27 -9.11 -1.85 0.23
N PRO A 28 -9.45 -3.02 -0.42
CA PRO A 28 -8.56 -3.69 -1.42
C PRO A 28 -8.03 -2.75 -2.53
N GLU A 29 -8.83 -1.72 -2.89
CA GLU A 29 -8.48 -0.78 -3.98
C GLU A 29 -7.24 0.07 -3.62
N GLU A 30 -7.03 0.35 -2.30
CA GLU A 30 -5.89 1.16 -1.81
C GLU A 30 -4.54 0.46 -2.05
N ILE A 31 -4.55 -0.88 -2.03
CA ILE A 31 -3.34 -1.69 -2.27
C ILE A 31 -3.01 -1.61 -3.77
N GLU A 32 -4.02 -1.86 -4.62
CA GLU A 32 -3.90 -1.73 -6.08
C GLU A 32 -3.47 -0.30 -6.46
N LYS A 33 -3.98 0.67 -5.68
CA LYS A 33 -3.74 2.10 -5.91
C LYS A 33 -2.27 2.43 -5.62
N LEU A 34 -1.76 1.93 -4.48
CA LEU A 34 -0.36 2.18 -4.04
C LEU A 34 0.61 1.63 -5.09
N LYS A 35 0.25 0.48 -5.69
CA LYS A 35 0.98 -0.18 -6.75
C LYS A 35 1.03 0.69 -8.04
N GLU A 36 -0.13 1.28 -8.40
CA GLU A 36 -0.25 2.16 -9.58
C GLU A 36 0.64 3.41 -9.41
N LEU A 37 0.52 4.06 -8.23
CA LEU A 37 1.33 5.23 -7.85
C LEU A 37 2.83 4.86 -7.76
N ARG A 38 3.14 3.60 -7.40
CA ARG A 38 4.53 3.13 -7.27
C ARG A 38 5.22 3.07 -8.63
N ILE A 39 4.53 2.47 -9.61
CA ILE A 39 5.09 2.30 -10.97
C ILE A 39 5.12 3.65 -11.72
N LYS A 40 4.14 4.51 -11.43
CA LYS A 40 3.98 5.82 -12.09
C LYS A 40 5.00 6.86 -11.56
N HIS A 41 5.29 6.79 -10.25
CA HIS A 41 6.21 7.76 -9.60
C HIS A 41 7.63 7.17 -9.49
N GLY A 42 7.74 5.95 -8.96
CA GLY A 42 9.03 5.25 -8.81
C GLY A 42 9.13 4.54 -7.47
N ASN A 43 9.32 5.32 -6.41
CA ASN A 43 9.47 4.80 -5.02
C ASN A 43 9.07 5.89 -4.01
N ASP A 44 8.13 6.75 -4.44
CA ASP A 44 7.70 7.94 -3.68
C ASP A 44 6.64 7.56 -2.64
N TRP A 45 7.06 6.78 -1.63
CA TRP A 45 6.16 6.24 -0.58
C TRP A 45 5.49 7.37 0.22
N ALA A 46 6.20 8.53 0.29
CA ALA A 46 5.69 9.76 0.90
C ALA A 46 4.41 10.24 0.19
N THR A 47 4.49 10.30 -1.16
CA THR A 47 3.40 10.75 -2.03
C THR A 47 2.24 9.75 -2.04
N ILE A 48 2.61 8.46 -2.09
CA ILE A 48 1.66 7.33 -2.16
C ILE A 48 0.77 7.29 -0.89
N GLY A 49 1.45 7.21 0.27
CA GLY A 49 0.77 7.17 1.56
C GLY A 49 -0.04 8.44 1.85
N ALA A 50 0.54 9.61 1.50
CA ALA A 50 -0.13 10.93 1.71
C ALA A 50 -1.43 11.05 0.90
N ALA A 51 -1.41 10.51 -0.33
CA ALA A 51 -2.59 10.50 -1.23
C ALA A 51 -3.69 9.60 -0.68
N LEU A 52 -3.28 8.39 -0.24
CA LEU A 52 -4.19 7.36 0.31
C LEU A 52 -4.68 7.69 1.74
N GLY A 53 -3.95 8.59 2.43
CA GLY A 53 -4.20 8.87 3.85
C GLY A 53 -3.63 7.79 4.77
N ARG A 54 -2.74 6.95 4.21
CA ARG A 54 -2.07 5.84 4.92
C ARG A 54 -0.62 6.25 5.28
N SER A 55 0.12 5.32 5.91
CA SER A 55 1.55 5.53 6.22
C SER A 55 2.41 5.15 5.02
N ALA A 56 3.55 5.86 4.87
CA ALA A 56 4.57 5.57 3.84
C ALA A 56 5.20 4.18 4.08
N SER A 57 5.41 3.87 5.37
CA SER A 57 6.00 2.60 5.81
C SER A 57 5.03 1.43 5.53
N SER A 58 3.73 1.67 5.73
CA SER A 58 2.68 0.67 5.53
C SER A 58 2.51 0.28 4.05
N VAL A 59 2.47 1.30 3.16
CA VAL A 59 2.29 1.06 1.71
C VAL A 59 3.55 0.40 1.09
N LYS A 60 4.73 0.79 1.61
CA LYS A 60 6.01 0.18 1.21
C LYS A 60 6.06 -1.31 1.58
N ASP A 61 5.67 -1.58 2.83
CA ASP A 61 5.62 -2.94 3.40
C ASP A 61 4.60 -3.81 2.66
N ARG A 62 3.47 -3.18 2.29
CA ARG A 62 2.34 -3.87 1.65
C ARG A 62 2.73 -4.33 0.24
N CYS A 63 3.45 -3.46 -0.50
CA CYS A 63 3.97 -3.79 -1.84
C CYS A 63 5.10 -4.82 -1.77
N ARG A 64 5.93 -4.72 -0.72
CA ARG A 64 7.07 -5.62 -0.48
C ARG A 64 6.57 -7.05 -0.13
N LEU A 65 5.37 -7.13 0.47
CA LEU A 65 4.73 -8.41 0.86
C LEU A 65 3.95 -9.02 -0.33
N MET A 66 3.04 -8.22 -0.94
CA MET A 66 2.24 -8.64 -2.12
C MET A 66 3.15 -9.00 -3.32
N LYS A 67 3.97 -8.02 -3.74
CA LYS A 67 4.95 -8.17 -4.80
C LYS A 67 6.31 -8.47 -4.17
N ASP A 68 6.54 -9.74 -3.81
CA ASP A 68 7.82 -10.17 -3.21
C ASP A 68 8.87 -10.35 -4.32
N THR A 69 10.08 -9.83 -4.09
CA THR A 69 11.23 -10.03 -4.98
C THR A 69 11.99 -11.32 -4.61
N CYS A 70 11.55 -11.96 -3.50
CA CYS A 70 12.16 -13.15 -2.93
C CYS A 70 11.20 -13.79 -1.91
N ASN A 71 10.76 -15.03 -2.20
CA ASN A 71 9.85 -15.80 -1.32
C ASN A 71 10.56 -16.19 -0.03
N THR A 72 9.90 -15.99 1.12
CA THR A 72 10.46 -16.28 2.45
C THR A 72 10.67 -17.79 2.66
N GLY A 73 9.69 -18.59 2.19
CA GLY A 73 9.74 -20.03 2.31
C GLY A 73 8.50 -20.67 1.68
N ASP A 19 -16.31 -12.72 8.18
CA ASP A 19 -16.37 -11.66 7.13
C ASP A 19 -16.57 -10.27 7.77
N ARG A 20 -15.79 -10.00 8.83
CA ARG A 20 -15.81 -8.71 9.55
C ARG A 20 -14.48 -7.94 9.34
N ASN A 21 -13.72 -8.37 8.32
CA ASN A 21 -12.36 -7.87 8.01
C ASN A 21 -12.35 -6.48 7.34
N HIS A 22 -13.54 -5.87 7.18
CA HIS A 22 -13.68 -4.55 6.52
C HIS A 22 -13.32 -3.41 7.50
N VAL A 23 -13.52 -3.64 8.81
CA VAL A 23 -13.22 -2.66 9.87
C VAL A 23 -11.81 -2.91 10.41
N GLY A 24 -10.96 -1.85 10.41
CA GLY A 24 -9.58 -1.93 10.92
C GLY A 24 -8.57 -2.42 9.89
N LYS A 25 -9.01 -2.55 8.62
CA LYS A 25 -8.15 -3.02 7.50
C LYS A 25 -8.41 -2.19 6.24
N TYR A 26 -7.44 -2.25 5.32
CA TYR A 26 -7.52 -1.61 4.00
C TYR A 26 -8.48 -2.40 3.08
N THR A 27 -9.08 -1.71 2.10
CA THR A 27 -9.77 -2.37 0.98
C THR A 27 -8.72 -2.75 -0.09
N PRO A 28 -8.95 -3.86 -0.90
CA PRO A 28 -8.01 -4.28 -1.98
C PRO A 28 -7.76 -3.15 -3.02
N GLU A 29 -8.68 -2.17 -3.09
CA GLU A 29 -8.54 -0.97 -3.93
C GLU A 29 -7.31 -0.15 -3.50
N GLU A 30 -7.11 0.02 -2.18
CA GLU A 30 -6.06 0.89 -1.59
C GLU A 30 -4.64 0.39 -1.89
N ILE A 31 -4.45 -0.95 -1.86
CA ILE A 31 -3.15 -1.57 -2.15
C ILE A 31 -2.84 -1.43 -3.65
N GLU A 32 -3.88 -1.66 -4.47
CA GLU A 32 -3.77 -1.58 -5.94
C GLU A 32 -3.63 -0.12 -6.43
N LYS A 33 -4.17 0.81 -5.63
CA LYS A 33 -4.09 2.27 -5.86
C LYS A 33 -2.68 2.75 -5.48
N LEU A 34 -2.13 2.17 -4.40
CA LEU A 34 -0.75 2.41 -3.95
C LEU A 34 0.25 1.97 -5.03
N LYS A 35 -0.06 0.82 -5.66
CA LYS A 35 0.74 0.23 -6.74
C LYS A 35 0.59 0.99 -8.06
N GLU A 36 -0.60 1.61 -8.27
CA GLU A 36 -0.86 2.50 -9.42
C GLU A 36 0.05 3.74 -9.34
N LEU A 37 0.10 4.32 -8.12
CA LEU A 37 0.96 5.48 -7.80
C LEU A 37 2.44 5.06 -7.71
N ARG A 38 2.70 3.79 -7.37
CA ARG A 38 4.08 3.25 -7.27
C ARG A 38 4.73 3.18 -8.65
N ILE A 39 3.99 2.72 -9.65
CA ILE A 39 4.44 2.66 -11.04
C ILE A 39 4.70 4.10 -11.58
N LYS A 40 3.89 5.06 -11.11
CA LYS A 40 3.96 6.47 -11.54
C LYS A 40 5.11 7.22 -10.84
N HIS A 41 5.39 6.85 -9.57
CA HIS A 41 6.35 7.57 -8.69
C HIS A 41 7.62 6.74 -8.40
N GLY A 42 7.73 5.57 -9.03
CA GLY A 42 8.90 4.69 -8.88
C GLY A 42 9.01 4.08 -7.48
N ASN A 43 9.79 4.76 -6.60
CA ASN A 43 10.05 4.31 -5.22
C ASN A 43 9.54 5.36 -4.20
N ASP A 44 9.01 6.49 -4.70
CA ASP A 44 8.51 7.60 -3.86
C ASP A 44 7.21 7.19 -3.14
N TRP A 45 7.38 6.66 -1.90
CA TRP A 45 6.29 6.23 -1.02
C TRP A 45 5.57 7.42 -0.38
N ALA A 46 6.26 8.59 -0.33
CA ALA A 46 5.78 9.79 0.40
C ALA A 46 4.45 10.31 -0.17
N THR A 47 4.40 10.47 -1.51
CA THR A 47 3.22 11.00 -2.21
C THR A 47 2.14 9.90 -2.36
N ILE A 48 2.58 8.63 -2.41
CA ILE A 48 1.66 7.46 -2.42
C ILE A 48 0.81 7.47 -1.13
N GLY A 49 1.50 7.38 0.02
CA GLY A 49 0.87 7.35 1.33
C GLY A 49 0.09 8.63 1.63
N ALA A 50 0.63 9.77 1.17
CA ALA A 50 -0.04 11.09 1.32
C ALA A 50 -1.40 11.11 0.62
N ALA A 51 -1.46 10.55 -0.60
CA ALA A 51 -2.68 10.53 -1.43
C ALA A 51 -3.70 9.48 -0.93
N LEU A 52 -3.19 8.41 -0.29
CA LEU A 52 -4.04 7.37 0.34
C LEU A 52 -4.54 7.81 1.73
N GLY A 53 -3.85 8.78 2.34
CA GLY A 53 -4.13 9.20 3.72
C GLY A 53 -3.54 8.23 4.75
N ARG A 54 -2.52 7.46 4.31
CA ARG A 54 -1.85 6.42 5.10
C ARG A 54 -0.37 6.76 5.33
N SER A 55 0.30 5.93 6.13
CA SER A 55 1.74 6.07 6.40
C SER A 55 2.55 5.58 5.18
N ALA A 56 3.58 6.37 4.80
CA ALA A 56 4.51 6.04 3.71
C ALA A 56 5.29 4.75 4.03
N SER A 57 5.62 4.57 5.34
CA SER A 57 6.34 3.39 5.85
C SER A 57 5.46 2.11 5.77
N SER A 58 4.13 2.30 5.98
CA SER A 58 3.15 1.20 5.93
C SER A 58 3.07 0.61 4.52
N VAL A 59 2.81 1.49 3.53
CA VAL A 59 2.66 1.10 2.11
C VAL A 59 4.00 0.59 1.53
N LYS A 60 5.11 1.14 2.07
CA LYS A 60 6.49 0.74 1.74
C LYS A 60 6.71 -0.74 2.08
N ASP A 61 6.38 -1.11 3.34
CA ASP A 61 6.59 -2.47 3.87
C ASP A 61 5.55 -3.46 3.30
N ARG A 62 4.35 -2.95 2.97
CA ARG A 62 3.27 -3.77 2.38
C ARG A 62 3.65 -4.26 0.97
N CYS A 63 4.28 -3.39 0.16
CA CYS A 63 4.78 -3.77 -1.18
C CYS A 63 6.15 -4.49 -1.11
N ARG A 64 6.94 -4.17 -0.06
CA ARG A 64 8.26 -4.79 0.21
C ARG A 64 8.11 -6.32 0.39
N LEU A 65 7.25 -6.70 1.33
CA LEU A 65 6.94 -8.09 1.64
C LEU A 65 5.96 -8.64 0.60
N MET A 66 4.95 -7.80 0.24
CA MET A 66 3.84 -8.14 -0.70
C MET A 66 2.98 -9.31 -0.13
N LYS A 67 3.08 -9.48 1.20
CA LYS A 67 2.50 -10.62 1.92
C LYS A 67 2.41 -10.31 3.43
N ASP A 68 1.68 -11.19 4.13
CA ASP A 68 1.52 -11.17 5.59
C ASP A 68 0.88 -12.52 6.01
N THR A 69 1.36 -13.09 7.14
CA THR A 69 0.91 -14.42 7.60
C THR A 69 -0.54 -14.37 8.12
N CYS A 70 -1.42 -15.12 7.45
CA CYS A 70 -2.83 -15.29 7.87
C CYS A 70 -2.96 -16.43 8.92
N ASN A 71 -1.84 -17.13 9.19
CA ASN A 71 -1.77 -18.21 10.20
C ASN A 71 -1.57 -17.60 11.60
N THR A 72 -2.62 -16.90 12.06
CA THR A 72 -2.65 -16.24 13.38
C THR A 72 -3.48 -17.08 14.38
N GLY A 73 -3.52 -18.39 14.13
CA GLY A 73 -4.21 -19.36 14.98
C GLY A 73 -3.77 -20.79 14.67
N ASP A 19 -22.49 5.58 18.68
CA ASP A 19 -22.13 4.92 17.41
C ASP A 19 -20.89 5.61 16.80
N ARG A 20 -19.71 4.97 16.92
CA ARG A 20 -18.43 5.46 16.37
C ARG A 20 -17.71 4.31 15.64
N ASN A 21 -17.90 4.24 14.32
CA ASN A 21 -17.29 3.21 13.46
C ASN A 21 -15.79 3.52 13.26
N HIS A 22 -14.96 2.47 13.32
CA HIS A 22 -13.50 2.57 13.18
C HIS A 22 -13.03 1.60 12.10
N VAL A 23 -12.49 2.15 10.99
CA VAL A 23 -11.93 1.35 9.91
C VAL A 23 -10.47 0.99 10.29
N GLY A 24 -10.34 -0.07 11.11
CA GLY A 24 -9.05 -0.57 11.59
C GLY A 24 -8.41 -1.56 10.63
N LYS A 25 -8.50 -1.26 9.33
CA LYS A 25 -7.98 -2.10 8.25
C LYS A 25 -7.95 -1.30 6.94
N TYR A 26 -7.24 -1.85 5.95
CA TYR A 26 -7.28 -1.37 4.57
C TYR A 26 -8.38 -2.12 3.79
N THR A 27 -8.54 -1.74 2.53
CA THR A 27 -9.32 -2.49 1.53
C THR A 27 -8.40 -2.72 0.30
N PRO A 28 -8.72 -3.69 -0.63
CA PRO A 28 -7.90 -3.95 -1.86
C PRO A 28 -7.68 -2.68 -2.73
N GLU A 29 -8.53 -1.65 -2.53
CA GLU A 29 -8.51 -0.41 -3.28
C GLU A 29 -7.20 0.38 -3.05
N GLU A 30 -6.85 0.62 -1.76
CA GLU A 30 -5.63 1.39 -1.39
C GLU A 30 -4.35 0.72 -1.89
N ILE A 31 -4.30 -0.63 -1.81
CA ILE A 31 -3.10 -1.40 -2.16
C ILE A 31 -2.88 -1.41 -3.67
N GLU A 32 -3.95 -1.65 -4.43
CA GLU A 32 -3.91 -1.66 -5.91
C GLU A 32 -3.61 -0.25 -6.44
N LYS A 33 -4.14 0.76 -5.74
CA LYS A 33 -3.94 2.18 -6.06
C LYS A 33 -2.51 2.62 -5.73
N LEU A 34 -1.90 2.05 -4.67
CA LEU A 34 -0.52 2.40 -4.26
C LEU A 34 0.46 1.84 -5.29
N LYS A 35 0.15 0.63 -5.77
CA LYS A 35 0.92 -0.05 -6.81
C LYS A 35 0.80 0.70 -8.15
N GLU A 36 -0.37 1.29 -8.39
CA GLU A 36 -0.61 2.17 -9.56
C GLU A 36 0.26 3.45 -9.45
N LEU A 37 0.26 4.05 -8.24
CA LEU A 37 1.06 5.23 -7.90
C LEU A 37 2.57 4.91 -7.93
N ARG A 38 2.91 3.63 -7.72
CA ARG A 38 4.30 3.11 -7.76
C ARG A 38 4.76 2.94 -9.22
N ILE A 39 3.81 2.67 -10.14
CA ILE A 39 4.11 2.68 -11.60
C ILE A 39 4.42 4.12 -12.05
N LYS A 40 3.70 5.09 -11.44
CA LYS A 40 3.82 6.53 -11.77
C LYS A 40 5.10 7.15 -11.16
N HIS A 41 5.33 6.91 -9.85
CA HIS A 41 6.40 7.56 -9.06
C HIS A 41 7.49 6.56 -8.63
N GLY A 42 7.06 5.44 -8.03
CA GLY A 42 7.99 4.37 -7.62
C GLY A 42 8.45 4.49 -6.19
N ASN A 43 9.64 5.08 -6.00
CA ASN A 43 10.33 5.18 -4.68
C ASN A 43 9.72 6.28 -3.77
N ASP A 44 8.71 7.01 -4.30
CA ASP A 44 8.04 8.10 -3.60
C ASP A 44 6.90 7.58 -2.72
N TRP A 45 7.22 6.65 -1.80
CA TRP A 45 6.24 6.01 -0.89
C TRP A 45 5.57 7.03 0.05
N ALA A 46 6.27 8.16 0.29
CA ALA A 46 5.74 9.29 1.08
C ALA A 46 4.56 9.96 0.35
N THR A 47 4.77 10.19 -0.96
CA THR A 47 3.76 10.78 -1.86
C THR A 47 2.58 9.80 -2.06
N ILE A 48 2.93 8.52 -2.23
CA ILE A 48 1.96 7.42 -2.43
C ILE A 48 1.03 7.28 -1.21
N GLY A 49 1.66 7.09 -0.02
CA GLY A 49 0.96 6.90 1.24
C GLY A 49 0.05 8.08 1.59
N ALA A 50 0.57 9.31 1.38
CA ALA A 50 -0.19 10.55 1.62
C ALA A 50 -1.39 10.67 0.65
N ALA A 51 -1.21 10.18 -0.61
CA ALA A 51 -2.28 10.22 -1.64
C ALA A 51 -3.38 9.17 -1.34
N LEU A 52 -3.02 8.12 -0.58
CA LEU A 52 -3.97 7.11 -0.09
C LEU A 52 -4.71 7.60 1.16
N GLY A 53 -4.11 8.57 1.87
CA GLY A 53 -4.58 9.00 3.19
C GLY A 53 -4.11 8.05 4.29
N ARG A 54 -3.11 7.23 3.96
CA ARG A 54 -2.52 6.24 4.87
C ARG A 54 -1.11 6.70 5.31
N SER A 55 -0.43 5.86 6.10
CA SER A 55 0.97 6.08 6.51
C SER A 55 1.91 5.45 5.47
N ALA A 56 2.90 6.25 5.01
CA ALA A 56 3.92 5.85 4.03
C ALA A 56 4.68 4.59 4.48
N SER A 57 5.06 4.59 5.77
CA SER A 57 5.78 3.47 6.40
C SER A 57 4.97 2.16 6.33
N SER A 58 3.65 2.26 6.56
CA SER A 58 2.75 1.11 6.67
C SER A 58 2.43 0.47 5.32
N VAL A 59 2.22 1.32 4.28
CA VAL A 59 1.90 0.84 2.91
C VAL A 59 3.17 0.26 2.22
N LYS A 60 4.32 0.87 2.53
CA LYS A 60 5.63 0.39 2.07
C LYS A 60 5.97 -0.95 2.72
N ASP A 61 5.64 -1.06 4.03
CA ASP A 61 5.84 -2.27 4.84
C ASP A 61 4.98 -3.43 4.31
N ARG A 62 3.73 -3.10 3.94
CA ARG A 62 2.75 -4.06 3.43
C ARG A 62 3.27 -4.68 2.13
N CYS A 63 3.64 -3.80 1.18
CA CYS A 63 4.08 -4.22 -0.16
C CYS A 63 5.47 -4.85 -0.14
N ARG A 64 6.29 -4.52 0.87
CA ARG A 64 7.63 -5.12 1.06
C ARG A 64 7.47 -6.60 1.45
N LEU A 65 6.59 -6.84 2.43
CA LEU A 65 6.33 -8.19 2.97
C LEU A 65 5.53 -9.04 1.95
N MET A 66 4.70 -8.35 1.14
CA MET A 66 3.90 -9.00 0.07
C MET A 66 4.80 -9.33 -1.15
N LYS A 67 5.83 -8.48 -1.39
CA LYS A 67 6.79 -8.66 -2.51
C LYS A 67 7.59 -9.95 -2.27
N ASP A 68 8.26 -9.99 -1.11
CA ASP A 68 8.93 -11.19 -0.57
C ASP A 68 8.86 -11.13 0.96
N THR A 69 8.18 -12.12 1.57
CA THR A 69 8.15 -12.28 3.02
C THR A 69 9.43 -13.04 3.46
N CYS A 70 10.53 -12.27 3.58
CA CYS A 70 11.87 -12.80 3.90
C CYS A 70 12.04 -12.92 5.43
N ASN A 71 12.28 -14.16 5.90
CA ASN A 71 12.56 -14.47 7.32
C ASN A 71 14.06 -14.20 7.60
N THR A 72 14.34 -13.50 8.72
CA THR A 72 15.72 -13.20 9.17
C THR A 72 15.98 -13.88 10.53
N GLY A 73 15.32 -15.04 10.75
CA GLY A 73 15.37 -15.77 12.01
C GLY A 73 14.22 -15.35 12.92
N ASP A 19 -20.52 0.45 2.89
CA ASP A 19 -19.21 0.47 3.60
C ASP A 19 -19.09 -0.75 4.55
N ARG A 20 -17.94 -1.47 4.46
CA ARG A 20 -17.61 -2.59 5.37
C ARG A 20 -16.29 -2.26 6.13
N ASN A 21 -15.94 -0.96 6.17
CA ASN A 21 -14.66 -0.48 6.74
C ASN A 21 -14.85 0.07 8.16
N HIS A 22 -15.92 -0.39 8.83
CA HIS A 22 -16.16 -0.11 10.26
C HIS A 22 -15.20 -0.97 11.12
N VAL A 23 -14.72 -2.08 10.51
CA VAL A 23 -13.60 -2.88 11.05
C VAL A 23 -12.27 -2.10 10.92
N GLY A 24 -12.18 -1.31 9.83
CA GLY A 24 -11.04 -0.42 9.58
C GLY A 24 -9.83 -1.17 9.04
N LYS A 25 -9.98 -1.73 7.85
CA LYS A 25 -8.93 -2.55 7.21
C LYS A 25 -8.61 -2.02 5.80
N TYR A 26 -7.39 -2.34 5.33
CA TYR A 26 -6.97 -2.11 3.93
C TYR A 26 -7.95 -2.80 2.95
N THR A 27 -8.64 -1.99 2.14
CA THR A 27 -9.50 -2.46 1.04
C THR A 27 -8.63 -2.82 -0.20
N PRO A 28 -9.19 -3.53 -1.24
CA PRO A 28 -8.50 -3.74 -2.54
C PRO A 28 -8.09 -2.41 -3.21
N GLU A 29 -8.78 -1.31 -2.84
CA GLU A 29 -8.53 0.04 -3.36
C GLU A 29 -7.15 0.55 -2.89
N GLU A 30 -6.83 0.28 -1.62
CA GLU A 30 -5.62 0.76 -0.94
C GLU A 30 -4.36 0.24 -1.64
N ILE A 31 -4.27 -1.09 -1.75
CA ILE A 31 -3.09 -1.79 -2.27
C ILE A 31 -2.92 -1.53 -3.80
N GLU A 32 -4.06 -1.43 -4.50
CA GLU A 32 -4.10 -1.19 -5.96
C GLU A 32 -3.57 0.22 -6.29
N LYS A 33 -4.12 1.26 -5.63
CA LYS A 33 -3.71 2.67 -5.80
C LYS A 33 -2.23 2.87 -5.37
N LEU A 34 -1.82 2.10 -4.35
CA LEU A 34 -0.43 2.03 -3.86
C LEU A 34 0.52 1.58 -4.99
N LYS A 35 0.20 0.46 -5.59
CA LYS A 35 1.03 -0.19 -6.62
C LYS A 35 0.88 0.51 -8.00
N GLU A 36 -0.23 1.22 -8.18
CA GLU A 36 -0.50 2.04 -9.38
C GLU A 36 0.45 3.26 -9.41
N LEU A 37 0.49 3.95 -8.27
CA LEU A 37 1.40 5.10 -8.06
C LEU A 37 2.86 4.64 -7.93
N ARG A 38 3.08 3.39 -7.48
CA ARG A 38 4.44 2.83 -7.34
C ARG A 38 5.11 2.68 -8.73
N ILE A 39 4.32 2.36 -9.76
CA ILE A 39 4.81 2.34 -11.16
C ILE A 39 5.01 3.79 -11.66
N LYS A 40 3.95 4.59 -11.48
CA LYS A 40 3.81 5.94 -12.06
C LYS A 40 4.72 6.98 -11.36
N HIS A 41 5.25 6.65 -10.18
CA HIS A 41 6.18 7.53 -9.43
C HIS A 41 7.54 6.82 -9.22
N GLY A 42 7.49 5.59 -8.68
CA GLY A 42 8.70 4.82 -8.37
C GLY A 42 8.98 4.73 -6.87
N ASN A 43 9.83 5.64 -6.38
CA ASN A 43 10.37 5.62 -4.99
C ASN A 43 9.53 6.49 -4.04
N ASP A 44 8.42 7.03 -4.54
CA ASP A 44 7.60 8.02 -3.83
C ASP A 44 6.57 7.33 -2.91
N TRP A 45 7.06 6.53 -1.94
CA TRP A 45 6.22 5.86 -0.93
C TRP A 45 5.49 6.89 -0.06
N ALA A 46 6.15 8.05 0.13
CA ALA A 46 5.59 9.20 0.86
C ALA A 46 4.36 9.77 0.13
N THR A 47 4.46 9.85 -1.20
CA THR A 47 3.40 10.40 -2.07
C THR A 47 2.24 9.39 -2.22
N ILE A 48 2.58 8.09 -2.15
CA ILE A 48 1.60 6.98 -2.16
C ILE A 48 0.75 7.05 -0.87
N GLY A 49 1.45 7.12 0.28
CA GLY A 49 0.82 7.23 1.60
C GLY A 49 0.00 8.51 1.74
N ALA A 50 0.47 9.58 1.08
CA ALA A 50 -0.21 10.89 1.05
C ALA A 50 -1.56 10.79 0.30
N ALA A 51 -1.54 10.08 -0.85
CA ALA A 51 -2.72 9.90 -1.72
C ALA A 51 -3.79 9.02 -1.06
N LEU A 52 -3.34 8.00 -0.31
CA LEU A 52 -4.21 7.03 0.38
C LEU A 52 -4.68 7.55 1.74
N GLY A 53 -3.89 8.45 2.35
CA GLY A 53 -4.17 8.94 3.71
C GLY A 53 -3.67 7.98 4.78
N ARG A 54 -2.60 7.23 4.45
CA ARG A 54 -1.88 6.31 5.36
C ARG A 54 -0.46 6.86 5.56
N SER A 55 0.40 6.12 6.30
CA SER A 55 1.83 6.45 6.42
C SER A 55 2.61 5.88 5.21
N ALA A 56 3.79 6.47 4.94
CA ALA A 56 4.70 6.01 3.88
C ALA A 56 5.18 4.59 4.19
N SER A 57 5.55 4.36 5.47
CA SER A 57 6.02 3.05 5.95
C SER A 57 4.88 2.00 5.91
N SER A 58 3.63 2.44 6.17
CA SER A 58 2.44 1.56 6.19
C SER A 58 2.23 0.90 4.80
N VAL A 59 2.19 1.75 3.75
CA VAL A 59 1.98 1.30 2.36
C VAL A 59 3.25 0.63 1.77
N LYS A 60 4.43 1.05 2.27
CA LYS A 60 5.73 0.51 1.83
C LYS A 60 5.84 -0.97 2.23
N ASP A 61 5.63 -1.23 3.53
CA ASP A 61 5.67 -2.58 4.11
C ASP A 61 4.46 -3.41 3.67
N ARG A 62 3.34 -2.74 3.32
CA ARG A 62 2.16 -3.41 2.72
C ARG A 62 2.53 -4.06 1.37
N CYS A 63 3.27 -3.30 0.53
CA CYS A 63 3.72 -3.77 -0.80
C CYS A 63 4.94 -4.71 -0.71
N ARG A 64 5.82 -4.48 0.29
CA ARG A 64 7.06 -5.24 0.48
C ARG A 64 6.78 -6.65 1.01
N LEU A 65 5.91 -6.72 2.03
CA LEU A 65 5.43 -7.99 2.59
C LEU A 65 4.47 -8.65 1.58
N MET A 66 3.38 -7.90 1.25
CA MET A 66 2.37 -8.31 0.27
C MET A 66 1.77 -9.71 0.59
N LYS A 67 1.68 -10.00 1.90
CA LYS A 67 1.27 -11.31 2.40
C LYS A 67 0.18 -11.12 3.47
N ASP A 68 -1.09 -11.14 3.03
CA ASP A 68 -2.26 -11.10 3.92
C ASP A 68 -2.62 -12.52 4.38
N THR A 69 -3.33 -12.60 5.51
CA THR A 69 -3.79 -13.87 6.08
C THR A 69 -5.19 -13.68 6.69
N CYS A 70 -6.04 -14.73 6.56
CA CYS A 70 -7.47 -14.70 6.96
C CYS A 70 -7.64 -14.45 8.47
N ASN A 71 -6.74 -15.06 9.26
CA ASN A 71 -6.66 -14.88 10.72
C ASN A 71 -5.26 -14.34 11.05
N THR A 72 -5.23 -13.16 11.66
CA THR A 72 -3.99 -12.48 12.09
C THR A 72 -4.14 -11.96 13.54
N GLY A 73 -5.25 -12.36 14.21
CA GLY A 73 -5.61 -11.87 15.54
C GLY A 73 -6.33 -10.52 15.44
N ASP A 19 -9.90 -11.62 -0.10
CA ASP A 19 -11.25 -10.98 -0.10
C ASP A 19 -11.74 -10.73 1.35
N ARG A 20 -11.24 -11.54 2.30
CA ARG A 20 -11.62 -11.44 3.72
C ARG A 20 -11.03 -10.15 4.33
N ASN A 21 -11.87 -9.11 4.45
CA ASN A 21 -11.45 -7.81 5.02
C ASN A 21 -11.51 -7.88 6.56
N HIS A 22 -10.49 -8.54 7.14
CA HIS A 22 -10.30 -8.68 8.61
C HIS A 22 -8.84 -8.33 8.94
N VAL A 23 -7.88 -9.14 8.43
CA VAL A 23 -6.42 -8.89 8.61
C VAL A 23 -6.01 -7.56 7.95
N GLY A 24 -6.55 -7.32 6.75
CA GLY A 24 -6.39 -6.07 6.04
C GLY A 24 -7.61 -5.22 6.20
N LYS A 25 -7.53 -4.22 7.11
CA LYS A 25 -8.59 -3.22 7.31
C LYS A 25 -8.78 -2.38 6.02
N TYR A 26 -7.69 -2.30 5.24
CA TYR A 26 -7.64 -1.66 3.92
C TYR A 26 -8.53 -2.43 2.91
N THR A 27 -9.22 -1.70 2.04
CA THR A 27 -9.91 -2.30 0.88
C THR A 27 -8.85 -2.78 -0.15
N PRO A 28 -9.13 -3.83 -0.99
CA PRO A 28 -8.20 -4.28 -2.08
C PRO A 28 -7.81 -3.13 -3.03
N GLU A 29 -8.69 -2.10 -3.09
CA GLU A 29 -8.47 -0.90 -3.89
C GLU A 29 -7.25 -0.11 -3.37
N GLU A 30 -7.15 0.07 -2.03
CA GLU A 30 -6.03 0.81 -1.37
C GLU A 30 -4.65 0.27 -1.79
N ILE A 31 -4.56 -1.07 -1.88
CA ILE A 31 -3.31 -1.75 -2.18
C ILE A 31 -2.98 -1.66 -3.69
N GLU A 32 -3.97 -1.98 -4.54
CA GLU A 32 -3.79 -1.92 -6.01
C GLU A 32 -3.53 -0.46 -6.46
N LYS A 33 -4.08 0.50 -5.69
CA LYS A 33 -3.93 1.93 -5.96
C LYS A 33 -2.54 2.43 -5.53
N LEU A 34 -2.02 1.93 -4.38
CA LEU A 34 -0.66 2.30 -3.90
C LEU A 34 0.39 1.78 -4.90
N LYS A 35 0.07 0.62 -5.49
CA LYS A 35 0.90 -0.04 -6.51
C LYS A 35 0.81 0.69 -7.86
N GLU A 36 -0.39 1.21 -8.19
CA GLU A 36 -0.61 2.06 -9.39
C GLU A 36 0.24 3.33 -9.27
N LEU A 37 0.14 3.96 -8.09
CA LEU A 37 0.93 5.15 -7.72
C LEU A 37 2.43 4.82 -7.73
N ARG A 38 2.80 3.57 -7.40
CA ARG A 38 4.20 3.10 -7.46
C ARG A 38 4.71 3.08 -8.92
N ILE A 39 3.86 2.62 -9.84
CA ILE A 39 4.21 2.53 -11.29
C ILE A 39 4.61 3.91 -11.86
N LYS A 40 3.94 4.96 -11.37
CA LYS A 40 4.14 6.34 -11.84
C LYS A 40 5.24 7.05 -11.00
N HIS A 41 5.03 7.15 -9.67
CA HIS A 41 5.97 7.83 -8.72
C HIS A 41 7.33 7.10 -8.65
N GLY A 42 7.26 5.79 -8.45
CA GLY A 42 8.45 4.95 -8.26
C GLY A 42 8.65 4.57 -6.79
N ASN A 43 9.88 4.77 -6.29
CA ASN A 43 10.25 4.48 -4.88
C ASN A 43 9.78 5.58 -3.91
N ASP A 44 9.11 6.62 -4.46
CA ASP A 44 8.51 7.71 -3.68
C ASP A 44 7.23 7.22 -2.98
N TRP A 45 7.42 6.56 -1.82
CA TRP A 45 6.31 6.07 -0.97
C TRP A 45 5.65 7.24 -0.21
N ALA A 46 6.39 8.34 -0.07
CA ALA A 46 5.97 9.53 0.70
C ALA A 46 4.67 10.14 0.13
N THR A 47 4.64 10.36 -1.20
CA THR A 47 3.48 10.98 -1.87
C THR A 47 2.37 9.95 -2.15
N ILE A 48 2.76 8.66 -2.29
CA ILE A 48 1.80 7.54 -2.44
C ILE A 48 0.90 7.45 -1.19
N GLY A 49 1.55 7.30 -0.03
CA GLY A 49 0.88 7.21 1.27
C GLY A 49 0.11 8.48 1.60
N ALA A 50 0.73 9.64 1.33
CA ALA A 50 0.11 10.97 1.59
C ALA A 50 -1.18 11.18 0.77
N ALA A 51 -1.16 10.70 -0.50
CA ALA A 51 -2.30 10.83 -1.43
C ALA A 51 -3.49 9.95 -0.98
N LEU A 52 -3.16 8.76 -0.48
CA LEU A 52 -4.15 7.80 0.06
C LEU A 52 -4.62 8.20 1.48
N GLY A 53 -3.74 8.87 2.23
CA GLY A 53 -3.96 9.12 3.67
C GLY A 53 -3.38 8.00 4.55
N ARG A 54 -2.64 7.08 3.92
CA ARG A 54 -1.97 5.94 4.59
C ARG A 54 -0.53 6.32 5.00
N SER A 55 0.15 5.39 5.68
CA SER A 55 1.54 5.57 6.09
C SER A 55 2.49 5.16 4.95
N ALA A 56 3.60 5.90 4.78
CA ALA A 56 4.63 5.59 3.77
C ALA A 56 5.28 4.22 4.04
N SER A 57 5.40 3.89 5.34
CA SER A 57 5.92 2.60 5.81
C SER A 57 4.94 1.45 5.46
N SER A 58 3.63 1.70 5.67
CA SER A 58 2.56 0.71 5.40
C SER A 58 2.48 0.35 3.91
N VAL A 59 2.51 1.38 3.04
CA VAL A 59 2.40 1.18 1.58
C VAL A 59 3.68 0.52 1.01
N LYS A 60 4.85 0.89 1.58
CA LYS A 60 6.15 0.30 1.19
C LYS A 60 6.15 -1.20 1.50
N ASP A 61 5.80 -1.53 2.75
CA ASP A 61 5.78 -2.92 3.27
C ASP A 61 4.80 -3.78 2.48
N ARG A 62 3.60 -3.22 2.24
CA ARG A 62 2.48 -3.94 1.60
C ARG A 62 2.83 -4.30 0.13
N CYS A 63 3.53 -3.39 -0.56
CA CYS A 63 3.98 -3.63 -1.95
C CYS A 63 5.28 -4.46 -2.00
N ARG A 64 6.11 -4.38 -0.95
CA ARG A 64 7.42 -5.08 -0.91
C ARG A 64 7.18 -6.59 -0.73
N LEU A 65 6.20 -6.92 0.13
CA LEU A 65 5.65 -8.27 0.24
C LEU A 65 4.80 -8.56 -1.01
N MET A 66 3.70 -7.79 -1.17
CA MET A 66 2.74 -7.89 -2.31
C MET A 66 1.94 -9.23 -2.25
N LYS A 67 2.01 -9.92 -1.10
CA LYS A 67 1.38 -11.24 -0.92
C LYS A 67 -0.11 -11.08 -0.56
N ASP A 68 -0.38 -10.18 0.42
CA ASP A 68 -1.75 -9.82 0.89
C ASP A 68 -2.59 -11.06 1.22
N THR A 69 -2.14 -11.79 2.23
CA THR A 69 -2.76 -13.06 2.66
C THR A 69 -3.26 -12.92 4.11
N CYS A 70 -4.25 -13.75 4.50
CA CYS A 70 -4.75 -13.82 5.87
C CYS A 70 -3.77 -14.60 6.77
N ASN A 71 -2.63 -13.95 7.08
CA ASN A 71 -1.57 -14.52 7.93
C ASN A 71 -1.94 -14.36 9.42
N THR A 72 -1.41 -15.27 10.25
CA THR A 72 -1.62 -15.24 11.71
C THR A 72 -0.27 -15.39 12.44
N GLY A 73 0.68 -16.09 11.79
CA GLY A 73 2.02 -16.29 12.31
C GLY A 73 2.16 -17.65 12.99
N ASP A 19 6.01 -2.73 15.21
CA ASP A 19 5.81 -2.66 13.75
C ASP A 19 4.38 -3.09 13.38
N ARG A 20 3.66 -2.26 12.60
CA ARG A 20 2.35 -2.64 12.02
C ARG A 20 2.59 -3.31 10.65
N ASN A 21 3.28 -4.46 10.72
CA ASN A 21 3.61 -5.32 9.57
C ASN A 21 2.38 -6.18 9.20
N HIS A 22 1.54 -6.43 10.22
CA HIS A 22 0.26 -7.14 10.09
C HIS A 22 -0.85 -6.27 10.71
N VAL A 23 -2.10 -6.54 10.31
CA VAL A 23 -3.28 -5.70 10.64
C VAL A 23 -3.10 -4.27 10.05
N GLY A 24 -3.32 -4.16 8.74
CA GLY A 24 -3.27 -2.86 8.04
C GLY A 24 -4.66 -2.24 7.89
N LYS A 25 -5.65 -3.13 7.66
CA LYS A 25 -7.06 -2.80 7.42
C LYS A 25 -7.24 -1.69 6.37
N TYR A 26 -7.10 -2.09 5.10
CA TYR A 26 -7.31 -1.21 3.93
C TYR A 26 -8.41 -1.79 3.02
N THR A 27 -8.91 -0.97 2.09
CA THR A 27 -9.84 -1.41 1.04
C THR A 27 -9.03 -2.11 -0.07
N PRO A 28 -9.62 -3.06 -0.88
CA PRO A 28 -8.89 -3.72 -1.99
C PRO A 28 -8.36 -2.71 -3.04
N GLU A 29 -8.94 -1.48 -3.05
CA GLU A 29 -8.46 -0.39 -3.92
C GLU A 29 -7.14 0.19 -3.41
N GLU A 30 -7.02 0.42 -2.08
CA GLU A 30 -5.82 1.05 -1.45
C GLU A 30 -4.52 0.34 -1.84
N ILE A 31 -4.55 -1.01 -1.85
CA ILE A 31 -3.37 -1.83 -2.16
C ILE A 31 -3.02 -1.72 -3.66
N GLU A 32 -4.03 -1.90 -4.53
CA GLU A 32 -3.85 -1.80 -6.00
C GLU A 32 -3.46 -0.35 -6.42
N LYS A 33 -3.90 0.63 -5.62
CA LYS A 33 -3.66 2.06 -5.87
C LYS A 33 -2.22 2.42 -5.50
N LEU A 34 -1.74 1.85 -4.38
CA LEU A 34 -0.35 2.07 -3.91
C LEU A 34 0.63 1.48 -4.93
N LYS A 35 0.24 0.32 -5.50
CA LYS A 35 0.98 -0.37 -6.58
C LYS A 35 0.98 0.45 -7.88
N GLU A 36 -0.18 1.07 -8.19
CA GLU A 36 -0.34 1.94 -9.39
C GLU A 36 0.59 3.16 -9.30
N LEU A 37 0.56 3.81 -8.12
CA LEU A 37 1.37 4.99 -7.80
C LEU A 37 2.86 4.64 -7.68
N ARG A 38 3.14 3.37 -7.33
CA ARG A 38 4.51 2.84 -7.23
C ARG A 38 5.19 2.78 -8.61
N ILE A 39 4.43 2.36 -9.63
CA ILE A 39 4.88 2.37 -11.04
C ILE A 39 4.95 3.81 -11.57
N LYS A 40 3.90 4.59 -11.25
CA LYS A 40 3.68 5.96 -11.76
C LYS A 40 4.82 6.92 -11.33
N HIS A 41 5.18 6.85 -10.05
CA HIS A 41 6.22 7.71 -9.45
C HIS A 41 7.58 6.99 -9.43
N GLY A 42 7.59 5.76 -8.91
CA GLY A 42 8.81 4.97 -8.75
C GLY A 42 9.11 4.71 -7.28
N ASN A 43 9.64 5.72 -6.58
CA ASN A 43 10.15 5.60 -5.19
C ASN A 43 9.47 6.59 -4.23
N ASP A 44 8.43 7.32 -4.69
CA ASP A 44 7.70 8.34 -3.88
C ASP A 44 6.73 7.67 -2.89
N TRP A 45 7.27 6.95 -1.90
CA TRP A 45 6.46 6.26 -0.86
C TRP A 45 5.69 7.28 -0.01
N ALA A 46 6.34 8.45 0.20
CA ALA A 46 5.74 9.59 0.92
C ALA A 46 4.47 10.10 0.21
N THR A 47 4.56 10.24 -1.12
CA THR A 47 3.45 10.74 -1.96
C THR A 47 2.31 9.71 -2.04
N ILE A 48 2.70 8.41 -2.11
CA ILE A 48 1.76 7.27 -2.18
C ILE A 48 0.87 7.24 -0.91
N GLY A 49 1.55 7.17 0.26
CA GLY A 49 0.87 7.12 1.56
C GLY A 49 0.00 8.34 1.82
N ALA A 50 0.52 9.52 1.46
CA ALA A 50 -0.19 10.81 1.63
C ALA A 50 -1.46 10.87 0.76
N ALA A 51 -1.38 10.29 -0.46
CA ALA A 51 -2.51 10.22 -1.42
C ALA A 51 -3.63 9.30 -0.91
N LEU A 52 -3.20 8.20 -0.27
CA LEU A 52 -4.09 7.21 0.34
C LEU A 52 -4.62 7.69 1.72
N GLY A 53 -3.93 8.70 2.30
CA GLY A 53 -4.21 9.18 3.66
C GLY A 53 -3.64 8.25 4.74
N ARG A 54 -2.84 7.26 4.31
CA ARG A 54 -2.20 6.26 5.18
C ARG A 54 -0.75 6.69 5.47
N SER A 55 -0.02 5.85 6.20
CA SER A 55 1.39 6.05 6.47
C SER A 55 2.24 5.50 5.30
N ALA A 56 3.25 6.30 4.89
CA ALA A 56 4.20 5.92 3.84
C ALA A 56 4.94 4.61 4.18
N SER A 57 5.28 4.48 5.47
CA SER A 57 5.94 3.29 6.03
C SER A 57 5.08 2.02 5.88
N SER A 58 3.77 2.18 6.18
CA SER A 58 2.80 1.07 6.19
C SER A 58 2.56 0.51 4.77
N VAL A 59 2.33 1.42 3.80
CA VAL A 59 2.03 1.04 2.39
C VAL A 59 3.28 0.48 1.68
N LYS A 60 4.45 1.05 2.03
CA LYS A 60 5.75 0.59 1.52
C LYS A 60 6.02 -0.85 1.95
N ASP A 61 5.84 -1.10 3.24
CA ASP A 61 6.08 -2.41 3.86
C ASP A 61 5.03 -3.44 3.41
N ARG A 62 3.80 -2.93 3.11
CA ARG A 62 2.66 -3.73 2.64
C ARG A 62 2.97 -4.39 1.28
N CYS A 63 3.50 -3.59 0.33
CA CYS A 63 3.87 -4.08 -1.02
C CYS A 63 5.21 -4.82 -1.03
N ARG A 64 6.18 -4.30 -0.24
CA ARG A 64 7.53 -4.87 -0.13
C ARG A 64 7.46 -6.36 0.29
N LEU A 65 6.62 -6.62 1.30
CA LEU A 65 6.35 -7.98 1.78
C LEU A 65 5.37 -8.69 0.82
N MET A 66 4.13 -8.16 0.77
CA MET A 66 2.99 -8.70 -0.04
C MET A 66 2.56 -10.15 0.37
N LYS A 67 3.17 -10.69 1.44
CA LYS A 67 2.90 -12.08 1.91
C LYS A 67 1.65 -12.13 2.83
N ASP A 68 0.90 -11.00 2.86
CA ASP A 68 -0.47 -10.92 3.43
C ASP A 68 -1.46 -11.79 2.64
N THR A 69 -1.09 -12.11 1.38
CA THR A 69 -1.85 -13.06 0.53
C THR A 69 -1.77 -14.50 1.09
N CYS A 70 -0.69 -14.78 1.85
CA CYS A 70 -0.48 -16.06 2.56
C CYS A 70 -1.21 -16.04 3.92
N ASN A 71 -1.19 -14.86 4.58
CA ASN A 71 -1.96 -14.62 5.82
C ASN A 71 -3.47 -14.66 5.53
N THR A 72 -4.23 -15.43 6.33
CA THR A 72 -5.68 -15.55 6.19
C THR A 72 -6.43 -14.36 6.83
N GLY A 73 -5.67 -13.45 7.48
CA GLY A 73 -6.20 -12.23 8.06
C GLY A 73 -5.07 -11.37 8.64
N ASP A 19 -18.87 8.32 6.65
CA ASP A 19 -18.87 6.96 7.23
C ASP A 19 -19.69 6.02 6.34
N ARG A 20 -19.02 5.12 5.61
CA ARG A 20 -19.62 3.93 4.94
C ARG A 20 -18.55 2.85 4.80
N ASN A 21 -18.82 1.66 5.41
CA ASN A 21 -17.90 0.50 5.44
C ASN A 21 -16.55 0.86 6.09
N HIS A 22 -16.64 1.54 7.26
CA HIS A 22 -15.45 1.94 8.05
C HIS A 22 -14.65 0.69 8.48
N VAL A 23 -13.32 0.77 8.35
CA VAL A 23 -12.41 -0.33 8.68
C VAL A 23 -11.01 0.23 9.01
N GLY A 24 -10.38 -0.32 10.06
CA GLY A 24 -9.02 0.06 10.46
C GLY A 24 -7.95 -0.77 9.74
N LYS A 25 -8.15 -0.91 8.42
CA LYS A 25 -7.33 -1.78 7.56
C LYS A 25 -7.47 -1.32 6.10
N TYR A 26 -6.48 -1.68 5.27
CA TYR A 26 -6.48 -1.41 3.83
C TYR A 26 -7.56 -2.27 3.13
N THR A 27 -8.48 -1.60 2.41
CA THR A 27 -9.42 -2.26 1.46
C THR A 27 -8.60 -2.69 0.21
N PRO A 28 -9.04 -3.73 -0.58
CA PRO A 28 -8.25 -4.24 -1.74
C PRO A 28 -7.91 -3.14 -2.79
N GLU A 29 -8.71 -2.05 -2.83
CA GLU A 29 -8.47 -0.91 -3.70
C GLU A 29 -7.23 -0.12 -3.26
N GLU A 30 -7.04 0.03 -1.93
CA GLU A 30 -5.88 0.76 -1.32
C GLU A 30 -4.53 0.21 -1.83
N ILE A 31 -4.46 -1.14 -2.00
CA ILE A 31 -3.22 -1.81 -2.41
C ILE A 31 -2.97 -1.60 -3.92
N GLU A 32 -4.01 -1.82 -4.73
CA GLU A 32 -3.95 -1.58 -6.20
C GLU A 32 -3.70 -0.09 -6.51
N LYS A 33 -4.13 0.79 -5.61
CA LYS A 33 -3.95 2.25 -5.74
C LYS A 33 -2.52 2.65 -5.33
N LEU A 34 -1.97 1.97 -4.29
CA LEU A 34 -0.58 2.24 -3.83
C LEU A 34 0.39 1.81 -4.94
N LYS A 35 0.07 0.67 -5.57
CA LYS A 35 0.86 0.08 -6.66
C LYS A 35 0.67 0.85 -7.98
N GLU A 36 -0.52 1.45 -8.17
CA GLU A 36 -0.82 2.32 -9.33
C GLU A 36 0.10 3.55 -9.33
N LEU A 37 0.10 4.25 -8.18
CA LEU A 37 0.93 5.45 -7.96
C LEU A 37 2.43 5.08 -7.89
N ARG A 38 2.72 3.84 -7.48
CA ARG A 38 4.10 3.28 -7.43
C ARG A 38 4.68 3.12 -8.85
N ILE A 39 3.81 2.83 -9.83
CA ILE A 39 4.20 2.78 -11.27
C ILE A 39 4.58 4.19 -11.77
N LYS A 40 3.87 5.21 -11.27
CA LYS A 40 4.06 6.62 -11.68
C LYS A 40 5.22 7.32 -10.94
N HIS A 41 5.44 6.97 -9.65
CA HIS A 41 6.39 7.70 -8.75
C HIS A 41 7.55 6.81 -8.28
N GLY A 42 7.56 5.54 -8.72
CA GLY A 42 8.61 4.58 -8.38
C GLY A 42 8.71 4.32 -6.88
N ASN A 43 9.75 4.91 -6.26
CA ASN A 43 10.12 4.65 -4.85
C ASN A 43 9.65 5.78 -3.90
N ASP A 44 8.86 6.74 -4.41
CA ASP A 44 8.32 7.85 -3.59
C ASP A 44 7.09 7.40 -2.78
N TRP A 45 7.35 6.57 -1.76
CA TRP A 45 6.32 6.00 -0.87
C TRP A 45 5.60 7.08 -0.06
N ALA A 46 6.29 8.23 0.14
CA ALA A 46 5.72 9.41 0.81
C ALA A 46 4.55 9.98 -0.01
N THR A 47 4.71 9.98 -1.35
CA THR A 47 3.66 10.45 -2.29
C THR A 47 2.46 9.48 -2.31
N ILE A 48 2.77 8.16 -2.42
CA ILE A 48 1.77 7.08 -2.40
C ILE A 48 0.88 7.19 -1.12
N GLY A 49 1.55 7.19 0.05
CA GLY A 49 0.90 7.24 1.36
C GLY A 49 0.11 8.52 1.57
N ALA A 50 0.66 9.65 1.11
CA ALA A 50 0.02 10.98 1.22
C ALA A 50 -1.32 11.04 0.47
N ALA A 51 -1.33 10.49 -0.75
CA ALA A 51 -2.50 10.52 -1.64
C ALA A 51 -3.57 9.51 -1.19
N LEU A 52 -3.14 8.45 -0.48
CA LEU A 52 -4.04 7.47 0.16
C LEU A 52 -4.55 7.97 1.53
N GLY A 53 -3.80 8.90 2.15
CA GLY A 53 -4.06 9.32 3.54
C GLY A 53 -3.55 8.27 4.55
N ARG A 54 -2.70 7.37 4.06
CA ARG A 54 -2.05 6.30 4.85
C ARG A 54 -0.62 6.73 5.23
N SER A 55 0.12 5.84 5.90
CA SER A 55 1.53 6.05 6.23
C SER A 55 2.43 5.44 5.13
N ALA A 56 3.52 6.15 4.80
CA ALA A 56 4.47 5.78 3.73
C ALA A 56 5.14 4.42 4.00
N SER A 57 5.56 4.23 5.26
CA SER A 57 6.22 3.01 5.70
C SER A 57 5.22 1.84 5.78
N SER A 58 3.93 2.15 6.02
CA SER A 58 2.87 1.13 6.14
C SER A 58 2.47 0.58 4.75
N VAL A 59 2.38 1.46 3.74
CA VAL A 59 2.07 1.05 2.35
C VAL A 59 3.25 0.29 1.72
N LYS A 60 4.48 0.67 2.11
CA LYS A 60 5.71 -0.04 1.69
C LYS A 60 5.78 -1.44 2.32
N ASP A 61 5.45 -1.50 3.63
CA ASP A 61 5.44 -2.74 4.42
C ASP A 61 4.35 -3.70 3.93
N ARG A 62 3.22 -3.12 3.48
CA ARG A 62 2.06 -3.89 3.00
C ARG A 62 2.32 -4.41 1.58
N CYS A 63 3.05 -3.60 0.79
CA CYS A 63 3.51 -3.98 -0.56
C CYS A 63 4.49 -5.16 -0.48
N ARG A 64 5.35 -5.16 0.56
CA ARG A 64 6.31 -6.24 0.83
C ARG A 64 5.59 -7.49 1.37
N LEU A 65 4.62 -7.28 2.29
CA LEU A 65 3.86 -8.39 2.94
C LEU A 65 3.06 -9.18 1.89
N MET A 66 2.49 -8.46 0.92
CA MET A 66 1.69 -9.04 -0.18
C MET A 66 2.58 -9.36 -1.40
N LYS A 67 3.91 -9.47 -1.15
CA LYS A 67 4.91 -9.92 -2.14
C LYS A 67 5.66 -11.12 -1.51
N ASP A 68 6.58 -10.85 -0.54
CA ASP A 68 7.25 -11.91 0.24
C ASP A 68 7.77 -11.33 1.58
N THR A 69 7.92 -12.20 2.58
CA THR A 69 8.65 -11.91 3.82
C THR A 69 9.59 -13.13 4.11
N CYS A 70 9.99 -13.79 3.00
CA CYS A 70 10.77 -15.05 3.00
C CYS A 70 12.28 -14.79 2.97
N ASN A 71 12.69 -13.52 3.26
CA ASN A 71 14.09 -13.06 3.20
C ASN A 71 14.96 -13.79 4.24
N THR A 72 15.56 -14.93 3.83
CA THR A 72 16.42 -15.81 4.65
C THR A 72 15.82 -16.07 6.06
N GLY A 73 14.65 -16.69 6.06
CA GLY A 73 13.89 -16.97 7.27
C GLY A 73 12.48 -17.47 6.97
N ASP A 19 -12.70 -11.41 0.00
CA ASP A 19 -13.22 -10.50 1.04
C ASP A 19 -13.63 -9.17 0.40
N ARG A 20 -14.58 -8.46 1.05
CA ARG A 20 -15.11 -7.18 0.56
C ARG A 20 -14.30 -6.00 1.15
N ASN A 21 -14.28 -5.91 2.50
CA ASN A 21 -13.82 -4.72 3.24
C ASN A 21 -13.80 -5.04 4.75
N HIS A 22 -12.93 -4.34 5.49
CA HIS A 22 -12.93 -4.34 6.98
C HIS A 22 -12.63 -2.92 7.48
N VAL A 23 -13.50 -2.40 8.37
CA VAL A 23 -13.31 -1.09 9.01
C VAL A 23 -12.15 -1.20 10.02
N GLY A 24 -11.16 -0.31 9.88
CA GLY A 24 -9.91 -0.39 10.63
C GLY A 24 -8.84 -1.19 9.89
N LYS A 25 -9.10 -1.50 8.62
CA LYS A 25 -8.15 -2.13 7.68
C LYS A 25 -8.18 -1.35 6.35
N TYR A 26 -7.33 -1.80 5.40
CA TYR A 26 -7.32 -1.29 4.02
C TYR A 26 -8.46 -1.92 3.21
N THR A 27 -8.91 -1.18 2.19
CA THR A 27 -9.77 -1.70 1.11
C THR A 27 -8.84 -2.24 -0.01
N PRO A 28 -9.22 -3.32 -0.77
CA PRO A 28 -8.40 -3.83 -1.91
C PRO A 28 -8.03 -2.73 -2.94
N GLU A 29 -8.87 -1.68 -3.03
CA GLU A 29 -8.62 -0.49 -3.87
C GLU A 29 -7.29 0.20 -3.48
N GLU A 30 -7.03 0.33 -2.16
CA GLU A 30 -5.85 1.05 -1.62
C GLU A 30 -4.53 0.31 -1.87
N ILE A 31 -4.57 -1.05 -1.86
CA ILE A 31 -3.38 -1.86 -2.19
C ILE A 31 -3.06 -1.71 -3.68
N GLU A 32 -4.09 -1.90 -4.51
CA GLU A 32 -4.00 -1.73 -5.97
C GLU A 32 -3.50 -0.31 -6.32
N LYS A 33 -4.02 0.70 -5.60
CA LYS A 33 -3.71 2.12 -5.82
C LYS A 33 -2.24 2.40 -5.48
N LEU A 34 -1.75 1.86 -4.34
CA LEU A 34 -0.36 2.09 -3.87
C LEU A 34 0.64 1.52 -4.90
N LYS A 35 0.28 0.36 -5.47
CA LYS A 35 1.04 -0.33 -6.51
C LYS A 35 1.06 0.48 -7.82
N GLU A 36 -0.10 1.08 -8.18
CA GLU A 36 -0.24 1.93 -9.38
C GLU A 36 0.56 3.25 -9.24
N LEU A 37 0.56 3.81 -8.02
CA LEU A 37 1.29 5.03 -7.68
C LEU A 37 2.80 4.76 -7.65
N ARG A 38 3.18 3.51 -7.36
CA ARG A 38 4.58 3.06 -7.43
C ARG A 38 5.04 2.90 -8.90
N ILE A 39 4.13 2.46 -9.78
CA ILE A 39 4.41 2.40 -11.24
C ILE A 39 4.62 3.83 -11.81
N LYS A 40 3.78 4.76 -11.33
CA LYS A 40 3.72 6.14 -11.83
C LYS A 40 4.90 7.00 -11.29
N HIS A 41 5.10 6.98 -9.96
CA HIS A 41 6.08 7.85 -9.27
C HIS A 41 7.41 7.10 -9.07
N GLY A 42 7.32 5.89 -8.51
CA GLY A 42 8.50 5.05 -8.25
C GLY A 42 8.73 4.82 -6.76
N ASN A 43 9.85 5.37 -6.25
CA ASN A 43 10.30 5.18 -4.85
C ASN A 43 9.60 6.13 -3.87
N ASP A 44 8.65 6.95 -4.38
CA ASP A 44 7.99 8.02 -3.62
C ASP A 44 6.87 7.47 -2.72
N TRP A 45 7.27 6.70 -1.69
CA TRP A 45 6.34 6.05 -0.75
C TRP A 45 5.61 7.09 0.12
N ALA A 46 6.27 8.23 0.38
CA ALA A 46 5.67 9.36 1.12
C ALA A 46 4.52 9.99 0.32
N THR A 47 4.70 10.04 -1.02
CA THR A 47 3.69 10.56 -1.97
C THR A 47 2.51 9.58 -2.07
N ILE A 48 2.85 8.28 -2.10
CA ILE A 48 1.87 7.17 -2.17
C ILE A 48 0.95 7.17 -0.92
N GLY A 49 1.59 7.18 0.26
CA GLY A 49 0.90 7.19 1.56
C GLY A 49 0.08 8.46 1.76
N ALA A 50 0.61 9.60 1.25
CA ALA A 50 -0.07 10.91 1.29
C ALA A 50 -1.38 10.86 0.48
N ALA A 51 -1.29 10.26 -0.73
CA ALA A 51 -2.42 10.18 -1.68
C ALA A 51 -3.50 9.20 -1.18
N LEU A 52 -3.09 8.21 -0.36
CA LEU A 52 -4.00 7.26 0.29
C LEU A 52 -4.56 7.81 1.62
N GLY A 53 -3.81 8.73 2.25
CA GLY A 53 -4.10 9.21 3.61
C GLY A 53 -3.59 8.26 4.70
N ARG A 54 -2.84 7.23 4.27
CA ARG A 54 -2.26 6.17 5.13
C ARG A 54 -0.80 6.51 5.47
N SER A 55 -0.22 5.74 6.40
CA SER A 55 1.22 5.79 6.68
C SER A 55 2.01 5.29 5.47
N ALA A 56 2.98 6.09 5.03
CA ALA A 56 3.91 5.74 3.95
C ALA A 56 4.69 4.46 4.28
N SER A 57 5.00 4.29 5.59
CA SER A 57 5.73 3.12 6.09
C SER A 57 4.85 1.87 6.00
N SER A 58 3.57 2.01 6.39
CA SER A 58 2.63 0.87 6.42
C SER A 58 2.36 0.31 5.02
N VAL A 59 2.15 1.20 4.02
CA VAL A 59 1.90 0.80 2.61
C VAL A 59 3.18 0.21 1.97
N LYS A 60 4.34 0.79 2.36
CA LYS A 60 5.66 0.36 1.88
C LYS A 60 5.98 -1.08 2.35
N ASP A 61 5.78 -1.31 3.65
CA ASP A 61 6.08 -2.59 4.32
C ASP A 61 5.02 -3.65 3.99
N ARG A 62 3.79 -3.20 3.67
CA ARG A 62 2.70 -4.09 3.23
C ARG A 62 3.07 -4.69 1.86
N CYS A 63 3.61 -3.83 0.97
CA CYS A 63 4.05 -4.23 -0.39
C CYS A 63 5.40 -4.98 -0.36
N ARG A 64 6.31 -4.56 0.54
CA ARG A 64 7.68 -5.12 0.66
C ARG A 64 7.63 -6.55 1.21
N LEU A 65 6.88 -6.71 2.31
CA LEU A 65 6.69 -8.02 2.97
C LEU A 65 5.77 -8.88 2.09
N MET A 66 4.61 -8.30 1.69
CA MET A 66 3.65 -8.86 0.70
C MET A 66 2.80 -10.04 1.24
N LYS A 67 3.42 -10.93 2.05
CA LYS A 67 2.79 -12.13 2.61
C LYS A 67 1.51 -11.76 3.39
N ASP A 68 1.65 -10.74 4.28
CA ASP A 68 0.53 -10.03 4.95
C ASP A 68 -0.26 -10.93 5.96
N THR A 69 0.09 -12.24 6.02
CA THR A 69 -0.65 -13.25 6.82
C THR A 69 -0.63 -12.93 8.33
N CYS A 70 0.42 -12.21 8.76
CA CYS A 70 0.56 -11.67 10.11
C CYS A 70 1.15 -10.25 10.03
N ASN A 71 0.40 -9.36 9.38
CA ASN A 71 0.75 -7.93 9.27
C ASN A 71 -0.19 -7.12 10.17
N THR A 72 0.18 -7.04 11.46
CA THR A 72 -0.60 -6.33 12.49
C THR A 72 0.08 -4.99 12.85
N GLY A 73 1.43 -5.00 12.82
CA GLY A 73 2.24 -3.83 13.16
C GLY A 73 2.67 -3.84 14.63
N ASP A 19 -12.62 -13.17 -6.36
CA ASP A 19 -12.36 -12.15 -5.33
C ASP A 19 -12.34 -12.79 -3.93
N ARG A 20 -11.13 -13.22 -3.50
CA ARG A 20 -10.92 -13.86 -2.18
C ARG A 20 -10.32 -12.86 -1.17
N ASN A 21 -10.13 -11.59 -1.63
CA ASN A 21 -9.48 -10.52 -0.86
C ASN A 21 -10.22 -10.20 0.46
N HIS A 22 -9.47 -10.25 1.58
CA HIS A 22 -9.99 -9.88 2.92
C HIS A 22 -9.82 -8.36 3.12
N VAL A 23 -10.89 -7.70 3.58
CA VAL A 23 -10.92 -6.23 3.80
C VAL A 23 -11.01 -5.90 5.30
N GLY A 24 -10.74 -4.63 5.62
CA GLY A 24 -10.83 -4.13 6.99
C GLY A 24 -10.63 -2.63 7.01
N LYS A 25 -9.46 -2.18 7.50
CA LYS A 25 -9.03 -0.78 7.41
C LYS A 25 -8.64 -0.45 5.95
N TYR A 26 -8.09 -1.46 5.26
CA TYR A 26 -7.71 -1.36 3.84
C TYR A 26 -8.70 -2.16 2.96
N THR A 27 -9.12 -1.53 1.85
CA THR A 27 -9.87 -2.19 0.75
C THR A 27 -8.87 -2.69 -0.32
N PRO A 28 -9.25 -3.62 -1.27
CA PRO A 28 -8.34 -4.05 -2.36
C PRO A 28 -7.92 -2.87 -3.25
N GLU A 29 -8.79 -1.82 -3.29
CA GLU A 29 -8.51 -0.56 -3.99
C GLU A 29 -7.28 0.14 -3.38
N GLU A 30 -7.20 0.18 -2.03
CA GLU A 30 -6.07 0.85 -1.31
C GLU A 30 -4.70 0.29 -1.75
N ILE A 31 -4.60 -1.04 -1.79
CA ILE A 31 -3.35 -1.73 -2.14
C ILE A 31 -3.07 -1.58 -3.65
N GLU A 32 -4.10 -1.77 -4.49
CA GLU A 32 -3.95 -1.68 -5.95
C GLU A 32 -3.69 -0.21 -6.39
N LYS A 33 -4.10 0.75 -5.54
CA LYS A 33 -3.90 2.19 -5.77
C LYS A 33 -2.45 2.54 -5.46
N LEU A 34 -1.91 2.00 -4.34
CA LEU A 34 -0.53 2.27 -3.94
C LEU A 34 0.44 1.68 -4.97
N LYS A 35 0.05 0.53 -5.56
CA LYS A 35 0.80 -0.15 -6.62
C LYS A 35 0.73 0.63 -7.94
N GLU A 36 -0.45 1.22 -8.24
CA GLU A 36 -0.65 2.11 -9.40
C GLU A 36 0.31 3.31 -9.31
N LEU A 37 0.34 3.92 -8.12
CA LEU A 37 1.17 5.09 -7.78
C LEU A 37 2.65 4.72 -7.63
N ARG A 38 2.92 3.44 -7.26
CA ARG A 38 4.28 2.91 -7.05
C ARG A 38 5.08 2.94 -8.35
N ILE A 39 4.45 2.41 -9.41
CA ILE A 39 5.04 2.33 -10.75
C ILE A 39 5.05 3.73 -11.39
N LYS A 40 3.93 4.47 -11.19
CA LYS A 40 3.69 5.80 -11.81
C LYS A 40 4.75 6.84 -11.37
N HIS A 41 5.02 6.88 -10.06
CA HIS A 41 5.95 7.86 -9.45
C HIS A 41 7.37 7.29 -9.34
N GLY A 42 7.47 6.03 -8.90
CA GLY A 42 8.76 5.37 -8.76
C GLY A 42 9.44 5.67 -7.41
N ASN A 43 9.18 4.80 -6.41
CA ASN A 43 9.83 4.82 -5.06
C ASN A 43 9.39 6.04 -4.21
N ASP A 44 8.39 6.80 -4.67
CA ASP A 44 7.84 7.99 -3.95
C ASP A 44 6.82 7.58 -2.89
N TRP A 45 7.24 6.72 -1.93
CA TRP A 45 6.35 6.13 -0.91
C TRP A 45 5.69 7.20 0.00
N ALA A 46 6.37 8.33 0.20
CA ALA A 46 5.82 9.45 0.98
C ALA A 46 4.61 10.07 0.26
N THR A 47 4.75 10.23 -1.07
CA THR A 47 3.68 10.75 -1.93
C THR A 47 2.52 9.74 -2.04
N ILE A 48 2.87 8.44 -2.11
CA ILE A 48 1.90 7.33 -2.24
C ILE A 48 0.99 7.26 -1.00
N GLY A 49 1.63 7.12 0.18
CA GLY A 49 0.92 7.05 1.46
C GLY A 49 0.08 8.28 1.73
N ALA A 50 0.65 9.47 1.46
CA ALA A 50 -0.04 10.76 1.64
C ALA A 50 -1.28 10.89 0.72
N ALA A 51 -1.18 10.32 -0.49
CA ALA A 51 -2.30 10.31 -1.46
C ALA A 51 -3.44 9.40 -0.97
N LEU A 52 -3.06 8.30 -0.30
CA LEU A 52 -4.01 7.35 0.33
C LEU A 52 -4.58 7.92 1.65
N GLY A 53 -3.87 8.91 2.23
CA GLY A 53 -4.19 9.45 3.55
C GLY A 53 -3.55 8.65 4.68
N ARG A 54 -2.84 7.56 4.32
CA ARG A 54 -2.12 6.69 5.26
C ARG A 54 -0.68 7.19 5.46
N SER A 55 0.11 6.43 6.22
CA SER A 55 1.54 6.66 6.37
C SER A 55 2.29 6.06 5.16
N ALA A 56 3.44 6.64 4.84
CA ALA A 56 4.37 6.07 3.85
C ALA A 56 4.88 4.71 4.36
N SER A 57 5.28 4.74 5.62
CA SER A 57 5.86 3.61 6.34
C SER A 57 4.88 2.41 6.43
N SER A 58 3.57 2.72 6.63
CA SER A 58 2.54 1.69 6.82
C SER A 58 2.33 0.86 5.53
N VAL A 59 2.05 1.57 4.43
CA VAL A 59 1.74 0.93 3.12
C VAL A 59 3.00 0.28 2.50
N LYS A 60 4.16 0.91 2.75
CA LYS A 60 5.47 0.43 2.26
C LYS A 60 5.83 -0.89 2.95
N ASP A 61 5.64 -0.94 4.27
CA ASP A 61 5.99 -2.11 5.12
C ASP A 61 4.98 -3.24 4.92
N ARG A 62 3.71 -2.86 4.65
CA ARG A 62 2.60 -3.82 4.43
C ARG A 62 2.84 -4.60 3.12
N CYS A 63 3.32 -3.87 2.08
CA CYS A 63 3.68 -4.47 0.79
C CYS A 63 5.04 -5.19 0.85
N ARG A 64 5.97 -4.64 1.66
CA ARG A 64 7.34 -5.20 1.83
C ARG A 64 7.26 -6.61 2.45
N LEU A 65 6.39 -6.75 3.46
CA LEU A 65 6.06 -8.04 4.08
C LEU A 65 5.19 -8.85 3.10
N MET A 66 4.14 -8.18 2.57
CA MET A 66 3.15 -8.74 1.61
C MET A 66 2.29 -9.86 2.25
N LYS A 67 2.93 -11.02 2.50
CA LYS A 67 2.31 -12.19 3.11
C LYS A 67 1.87 -11.85 4.54
N ASP A 68 0.60 -12.09 4.82
CA ASP A 68 0.02 -11.99 6.16
C ASP A 68 -0.97 -13.15 6.34
N THR A 69 -1.12 -13.64 7.57
CA THR A 69 -2.05 -14.71 7.89
C THR A 69 -3.47 -14.14 8.15
N CYS A 70 -4.11 -13.68 7.06
CA CYS A 70 -5.49 -13.17 7.08
C CYS A 70 -6.47 -14.35 7.26
N ASN A 71 -6.62 -14.79 8.51
CA ASN A 71 -7.43 -15.96 8.88
C ASN A 71 -8.37 -15.58 10.03
N THR A 72 -9.67 -15.82 9.82
CA THR A 72 -10.73 -15.62 10.83
C THR A 72 -11.46 -16.96 11.12
N GLY A 73 -11.17 -17.98 10.29
CA GLY A 73 -11.77 -19.31 10.42
C GLY A 73 -11.41 -20.23 9.25
N ASP A 19 -6.98 -18.54 6.69
CA ASP A 19 -5.94 -18.08 5.73
C ASP A 19 -4.55 -18.11 6.39
N ARG A 20 -4.39 -17.25 7.43
CA ARG A 20 -3.11 -16.99 8.13
C ARG A 20 -2.07 -16.39 7.16
N ASN A 21 -2.57 -15.76 6.07
CA ASN A 21 -1.74 -15.22 4.97
C ASN A 21 -2.31 -13.90 4.46
N HIS A 22 -3.63 -13.89 4.19
CA HIS A 22 -4.33 -12.70 3.65
C HIS A 22 -5.27 -12.12 4.71
N VAL A 23 -4.84 -11.01 5.33
CA VAL A 23 -5.67 -10.25 6.28
C VAL A 23 -5.18 -8.78 6.34
N GLY A 24 -6.14 -7.86 6.47
CA GLY A 24 -5.84 -6.43 6.55
C GLY A 24 -7.12 -5.63 6.65
N LYS A 25 -7.12 -4.61 7.53
CA LYS A 25 -8.25 -3.67 7.69
C LYS A 25 -8.39 -2.70 6.49
N TYR A 26 -7.42 -2.75 5.56
CA TYR A 26 -7.48 -2.02 4.28
C TYR A 26 -8.54 -2.63 3.34
N THR A 27 -8.95 -1.83 2.36
CA THR A 27 -9.75 -2.29 1.21
C THR A 27 -8.78 -2.57 0.04
N PRO A 28 -9.06 -3.61 -0.84
CA PRO A 28 -8.13 -4.03 -1.93
C PRO A 28 -7.82 -2.89 -2.93
N GLU A 29 -8.73 -1.90 -2.98
CA GLU A 29 -8.63 -0.70 -3.81
C GLU A 29 -7.33 0.08 -3.52
N GLU A 30 -7.02 0.24 -2.22
CA GLU A 30 -5.91 1.08 -1.72
C GLU A 30 -4.53 0.43 -1.98
N ILE A 31 -4.48 -0.91 -1.94
CA ILE A 31 -3.22 -1.65 -2.19
C ILE A 31 -2.88 -1.54 -3.68
N GLU A 32 -3.87 -1.83 -4.53
CA GLU A 32 -3.74 -1.76 -5.99
C GLU A 32 -3.42 -0.31 -6.46
N LYS A 33 -4.00 0.67 -5.73
CA LYS A 33 -3.82 2.12 -6.00
C LYS A 33 -2.41 2.57 -5.66
N LEU A 34 -1.88 2.10 -4.50
CA LEU A 34 -0.53 2.49 -4.04
C LEU A 34 0.51 1.93 -5.02
N LYS A 35 0.25 0.70 -5.51
CA LYS A 35 1.11 -0.02 -6.46
C LYS A 35 1.06 0.64 -7.86
N GLU A 36 -0.10 1.21 -8.19
CA GLU A 36 -0.30 2.02 -9.40
C GLU A 36 0.61 3.27 -9.35
N LEU A 37 0.51 3.99 -8.22
CA LEU A 37 1.32 5.20 -7.93
C LEU A 37 2.83 4.86 -7.80
N ARG A 38 3.13 3.62 -7.39
CA ARG A 38 4.51 3.14 -7.17
C ARG A 38 5.26 2.98 -8.49
N ILE A 39 4.57 2.40 -9.49
CA ILE A 39 5.14 2.18 -10.84
C ILE A 39 5.12 3.50 -11.65
N LYS A 40 4.08 4.33 -11.43
CA LYS A 40 3.84 5.56 -12.21
C LYS A 40 4.78 6.70 -11.77
N HIS A 41 4.83 6.97 -10.46
CA HIS A 41 5.60 8.10 -9.89
C HIS A 41 7.00 7.62 -9.46
N GLY A 42 7.02 6.55 -8.67
CA GLY A 42 8.25 6.02 -8.06
C GLY A 42 7.95 5.35 -6.72
N ASN A 43 8.98 4.76 -6.08
CA ASN A 43 8.83 4.06 -4.78
C ASN A 43 8.87 5.06 -3.59
N ASP A 44 8.20 6.21 -3.76
CA ASP A 44 8.14 7.27 -2.76
C ASP A 44 6.95 7.02 -1.83
N TRP A 45 7.14 6.13 -0.84
CA TRP A 45 6.08 5.69 0.08
C TRP A 45 5.49 6.85 0.88
N ALA A 46 6.31 7.90 1.09
CA ALA A 46 5.90 9.15 1.75
C ALA A 46 4.79 9.86 0.95
N THR A 47 5.04 9.97 -0.36
CA THR A 47 4.15 10.67 -1.30
C THR A 47 2.88 9.85 -1.59
N ILE A 48 3.09 8.54 -1.78
CA ILE A 48 2.02 7.57 -2.13
C ILE A 48 1.08 7.37 -0.94
N GLY A 49 1.67 7.08 0.24
CA GLY A 49 0.93 6.90 1.49
C GLY A 49 0.12 8.14 1.84
N ALA A 50 0.77 9.32 1.70
CA ALA A 50 0.12 10.64 1.91
C ALA A 50 -1.06 10.84 0.95
N ALA A 51 -0.88 10.41 -0.32
CA ALA A 51 -1.91 10.55 -1.38
C ALA A 51 -3.16 9.73 -1.05
N LEU A 52 -2.93 8.53 -0.48
CA LEU A 52 -4.02 7.63 -0.01
C LEU A 52 -4.70 8.20 1.25
N GLY A 53 -3.89 8.88 2.08
CA GLY A 53 -4.30 9.30 3.43
C GLY A 53 -3.86 8.30 4.50
N ARG A 54 -3.04 7.31 4.08
CA ARG A 54 -2.47 6.27 4.97
C ARG A 54 -1.08 6.69 5.46
N SER A 55 -0.50 5.86 6.35
CA SER A 55 0.88 6.03 6.82
C SER A 55 1.87 5.43 5.80
N ALA A 56 2.97 6.13 5.57
CA ALA A 56 4.01 5.75 4.59
C ALA A 56 4.71 4.44 4.99
N SER A 57 5.01 4.30 6.28
CA SER A 57 5.63 3.11 6.86
C SER A 57 4.71 1.88 6.71
N SER A 58 3.39 2.11 6.87
CA SER A 58 2.38 1.04 6.76
C SER A 58 2.32 0.45 5.33
N VAL A 59 2.22 1.33 4.31
CA VAL A 59 2.11 0.89 2.90
C VAL A 59 3.43 0.23 2.42
N LYS A 60 4.56 0.71 2.97
CA LYS A 60 5.90 0.10 2.77
C LYS A 60 5.91 -1.37 3.26
N ASP A 61 5.47 -1.58 4.51
CA ASP A 61 5.41 -2.91 5.16
C ASP A 61 4.37 -3.83 4.47
N ARG A 62 3.28 -3.24 3.94
CA ARG A 62 2.20 -3.97 3.26
C ARG A 62 2.70 -4.62 1.96
N CYS A 63 3.46 -3.84 1.17
CA CYS A 63 4.05 -4.33 -0.10
C CYS A 63 5.23 -5.28 0.14
N ARG A 64 5.96 -5.03 1.24
CA ARG A 64 7.08 -5.89 1.65
C ARG A 64 6.54 -7.27 2.10
N LEU A 65 5.36 -7.28 2.74
CA LEU A 65 4.68 -8.51 3.18
C LEU A 65 3.89 -9.17 2.01
N MET A 66 3.52 -8.33 1.01
CA MET A 66 2.88 -8.81 -0.24
C MET A 66 3.84 -9.74 -1.02
N LYS A 67 5.14 -9.35 -1.03
CA LYS A 67 6.21 -10.14 -1.66
C LYS A 67 6.81 -11.15 -0.65
N ASP A 68 6.66 -12.45 -0.95
CA ASP A 68 7.37 -13.52 -0.24
C ASP A 68 8.80 -13.62 -0.78
N THR A 69 9.81 -13.60 0.11
CA THR A 69 11.24 -13.65 -0.28
C THR A 69 11.60 -15.07 -0.80
N CYS A 70 11.40 -15.27 -2.11
CA CYS A 70 11.63 -16.56 -2.78
C CYS A 70 13.09 -16.64 -3.30
N ASN A 71 14.00 -16.90 -2.37
CA ASN A 71 15.45 -16.97 -2.64
C ASN A 71 16.09 -18.06 -1.77
N THR A 72 16.25 -19.25 -2.36
CA THR A 72 16.89 -20.41 -1.71
C THR A 72 18.42 -20.35 -1.84
N GLY A 73 18.91 -19.48 -2.75
CA GLY A 73 20.35 -19.28 -2.97
C GLY A 73 20.89 -20.14 -4.12
N ASP A 19 -13.48 10.30 2.65
CA ASP A 19 -12.27 9.56 2.19
C ASP A 19 -12.01 8.37 3.11
N ARG A 20 -11.88 8.66 4.42
CA ARG A 20 -11.62 7.66 5.46
C ARG A 20 -12.94 6.95 5.87
N ASN A 21 -13.35 5.97 5.04
CA ASN A 21 -14.55 5.14 5.29
C ASN A 21 -14.34 4.28 6.55
N HIS A 22 -13.22 3.56 6.59
CA HIS A 22 -12.78 2.79 7.76
C HIS A 22 -11.24 2.85 7.88
N VAL A 23 -10.76 3.51 8.94
CA VAL A 23 -9.32 3.65 9.22
C VAL A 23 -8.75 2.38 9.86
N GLY A 24 -7.42 2.21 9.81
CA GLY A 24 -6.75 1.03 10.36
C GLY A 24 -6.73 -0.14 9.38
N LYS A 25 -7.94 -0.57 8.95
CA LYS A 25 -8.09 -1.63 7.96
C LYS A 25 -8.00 -1.06 6.55
N TYR A 26 -7.32 -1.79 5.66
CA TYR A 26 -7.08 -1.40 4.26
C TYR A 26 -8.13 -2.04 3.33
N THR A 27 -8.55 -1.28 2.31
CA THR A 27 -9.35 -1.79 1.18
C THR A 27 -8.40 -2.33 0.10
N PRO A 28 -8.80 -3.36 -0.72
CA PRO A 28 -7.99 -3.83 -1.87
C PRO A 28 -7.70 -2.68 -2.88
N GLU A 29 -8.62 -1.68 -2.89
CA GLU A 29 -8.52 -0.46 -3.71
C GLU A 29 -7.24 0.32 -3.39
N GLU A 30 -6.98 0.53 -2.08
CA GLU A 30 -5.81 1.31 -1.59
C GLU A 30 -4.46 0.63 -1.93
N ILE A 31 -4.45 -0.72 -1.98
CA ILE A 31 -3.22 -1.48 -2.31
C ILE A 31 -2.95 -1.44 -3.83
N GLU A 32 -3.99 -1.68 -4.63
CA GLU A 32 -3.89 -1.61 -6.10
C GLU A 32 -3.62 -0.16 -6.56
N LYS A 33 -4.05 0.81 -5.74
CA LYS A 33 -3.79 2.24 -5.95
C LYS A 33 -2.35 2.59 -5.58
N LEU A 34 -1.82 1.99 -4.47
CA LEU A 34 -0.41 2.25 -4.04
C LEU A 34 0.55 1.72 -5.11
N LYS A 35 0.16 0.59 -5.72
CA LYS A 35 0.91 -0.06 -6.80
C LYS A 35 0.87 0.80 -8.09
N GLU A 36 -0.32 1.36 -8.38
CA GLU A 36 -0.50 2.33 -9.50
C GLU A 36 0.43 3.55 -9.31
N LEU A 37 0.47 4.05 -8.08
CA LEU A 37 1.31 5.19 -7.67
C LEU A 37 2.81 4.82 -7.65
N ARG A 38 3.10 3.53 -7.41
CA ARG A 38 4.49 3.02 -7.34
C ARG A 38 5.07 2.83 -8.76
N ILE A 39 4.20 2.42 -9.70
CA ILE A 39 4.59 2.23 -11.12
C ILE A 39 4.75 3.59 -11.82
N LYS A 40 3.89 4.54 -11.45
CA LYS A 40 3.88 5.89 -12.02
C LYS A 40 5.04 6.73 -11.47
N HIS A 41 5.08 6.87 -10.13
CA HIS A 41 6.02 7.75 -9.43
C HIS A 41 7.37 7.06 -9.22
N GLY A 42 7.33 5.83 -8.71
CA GLY A 42 8.54 5.07 -8.33
C GLY A 42 8.55 4.78 -6.84
N ASN A 43 9.66 5.12 -6.17
CA ASN A 43 9.85 4.89 -4.72
C ASN A 43 9.42 6.14 -3.90
N ASP A 44 8.46 6.91 -4.45
CA ASP A 44 7.91 8.11 -3.81
C ASP A 44 6.82 7.74 -2.78
N TRP A 45 7.20 6.91 -1.79
CA TRP A 45 6.28 6.33 -0.80
C TRP A 45 5.61 7.39 0.09
N ALA A 46 6.29 8.54 0.26
CA ALA A 46 5.73 9.70 0.99
C ALA A 46 4.46 10.20 0.28
N THR A 47 4.55 10.33 -1.04
CA THR A 47 3.45 10.81 -1.90
C THR A 47 2.34 9.75 -2.02
N ILE A 48 2.76 8.48 -2.09
CA ILE A 48 1.85 7.31 -2.20
C ILE A 48 0.94 7.23 -0.94
N GLY A 49 1.59 7.15 0.24
CA GLY A 49 0.89 7.10 1.53
C GLY A 49 0.02 8.32 1.79
N ALA A 50 0.53 9.51 1.39
CA ALA A 50 -0.19 10.79 1.54
C ALA A 50 -1.47 10.83 0.69
N ALA A 51 -1.40 10.27 -0.52
CA ALA A 51 -2.54 10.22 -1.47
C ALA A 51 -3.63 9.25 -0.99
N LEU A 52 -3.18 8.17 -0.31
CA LEU A 52 -4.07 7.17 0.32
C LEU A 52 -4.64 7.65 1.68
N GLY A 53 -3.93 8.63 2.30
CA GLY A 53 -4.27 9.10 3.65
C GLY A 53 -3.78 8.15 4.75
N ARG A 54 -2.85 7.26 4.37
CA ARG A 54 -2.25 6.24 5.26
C ARG A 54 -0.78 6.61 5.57
N SER A 55 -0.08 5.74 6.32
CA SER A 55 1.35 5.89 6.59
C SER A 55 2.16 5.39 5.38
N ALA A 56 3.17 6.17 5.00
CA ALA A 56 4.14 5.82 3.95
C ALA A 56 4.91 4.53 4.31
N SER A 57 5.22 4.40 5.63
CA SER A 57 5.99 3.27 6.18
C SER A 57 5.17 1.97 6.09
N SER A 58 3.86 2.10 6.41
CA SER A 58 2.94 0.97 6.44
C SER A 58 2.65 0.42 5.04
N VAL A 59 2.36 1.31 4.07
CA VAL A 59 2.02 0.90 2.68
C VAL A 59 3.25 0.34 1.94
N LYS A 60 4.45 0.86 2.28
CA LYS A 60 5.73 0.37 1.73
C LYS A 60 6.00 -1.06 2.21
N ASP A 61 5.94 -1.24 3.54
CA ASP A 61 6.19 -2.52 4.22
C ASP A 61 5.15 -3.58 3.81
N ARG A 62 3.89 -3.15 3.64
CA ARG A 62 2.75 -4.03 3.27
C ARG A 62 2.98 -4.59 1.85
N CYS A 63 3.27 -3.67 0.91
CA CYS A 63 3.50 -4.00 -0.52
C CYS A 63 4.73 -4.91 -0.69
N ARG A 64 5.73 -4.70 0.17
CA ARG A 64 6.98 -5.48 0.18
C ARG A 64 6.72 -6.89 0.73
N LEU A 65 5.90 -7.00 1.80
CA LEU A 65 5.56 -8.31 2.43
C LEU A 65 4.44 -9.03 1.66
N MET A 66 3.81 -8.32 0.71
CA MET A 66 2.89 -8.92 -0.26
C MET A 66 3.72 -9.84 -1.18
N LYS A 67 4.72 -9.23 -1.87
CA LYS A 67 5.73 -9.96 -2.67
C LYS A 67 7.02 -9.12 -2.72
N ASP A 68 8.03 -9.54 -1.92
CA ASP A 68 9.40 -9.00 -1.94
C ASP A 68 10.07 -9.35 -3.28
N THR A 69 10.96 -8.45 -3.74
CA THR A 69 11.64 -8.56 -5.05
C THR A 69 12.37 -9.92 -5.21
N CYS A 70 11.90 -10.74 -6.17
CA CYS A 70 12.44 -12.09 -6.41
C CYS A 70 13.85 -12.00 -7.04
N ASN A 71 14.87 -11.93 -6.17
CA ASN A 71 16.28 -11.82 -6.58
C ASN A 71 17.17 -12.26 -5.40
N THR A 72 17.04 -13.55 -5.05
CA THR A 72 17.74 -14.15 -3.88
C THR A 72 18.76 -15.23 -4.32
N GLY A 73 19.08 -15.24 -5.63
CA GLY A 73 20.02 -16.22 -6.20
C GLY A 73 19.30 -17.49 -6.64
N ASP A 19 -23.12 2.69 3.02
CA ASP A 19 -22.16 3.16 4.04
C ASP A 19 -20.88 2.33 3.98
N ARG A 20 -19.74 2.98 3.69
CA ARG A 20 -18.41 2.35 3.68
C ARG A 20 -17.35 3.36 4.18
N ASN A 21 -16.78 3.08 5.36
CA ASN A 21 -15.70 3.87 5.96
C ASN A 21 -14.65 2.88 6.48
N HIS A 22 -13.49 2.82 5.79
CA HIS A 22 -12.35 1.99 6.18
C HIS A 22 -11.18 2.88 6.55
N VAL A 23 -11.24 3.43 7.77
CA VAL A 23 -10.16 4.25 8.34
C VAL A 23 -9.15 3.37 9.10
N GLY A 24 -9.66 2.30 9.75
CA GLY A 24 -8.84 1.39 10.57
C GLY A 24 -7.87 0.56 9.74
N LYS A 25 -8.36 0.07 8.59
CA LYS A 25 -7.55 -0.74 7.65
C LYS A 25 -7.83 -0.29 6.20
N TYR A 26 -6.96 -0.74 5.28
CA TYR A 26 -7.02 -0.39 3.85
C TYR A 26 -8.31 -0.91 3.19
N THR A 27 -8.79 -0.17 2.18
CA THR A 27 -9.78 -0.68 1.21
C THR A 27 -9.03 -1.56 0.20
N PRO A 28 -9.70 -2.59 -0.42
CA PRO A 28 -9.06 -3.43 -1.49
C PRO A 28 -8.51 -2.61 -2.69
N GLU A 29 -8.95 -1.34 -2.83
CA GLU A 29 -8.37 -0.41 -3.81
C GLU A 29 -6.92 -0.09 -3.45
N GLU A 30 -6.72 0.39 -2.21
CA GLU A 30 -5.49 1.10 -1.75
C GLU A 30 -4.19 0.31 -1.93
N ILE A 31 -4.24 -1.04 -1.90
CA ILE A 31 -3.03 -1.86 -2.13
C ILE A 31 -2.65 -1.80 -3.63
N GLU A 32 -3.62 -2.09 -4.51
CA GLU A 32 -3.45 -1.98 -5.98
C GLU A 32 -3.15 -0.51 -6.38
N LYS A 33 -3.73 0.42 -5.62
CA LYS A 33 -3.66 1.87 -5.88
C LYS A 33 -2.26 2.40 -5.52
N LEU A 34 -1.68 1.88 -4.40
CA LEU A 34 -0.33 2.27 -3.95
C LEU A 34 0.72 1.74 -4.94
N LYS A 35 0.46 0.52 -5.45
CA LYS A 35 1.26 -0.13 -6.50
C LYS A 35 1.15 0.66 -7.84
N GLU A 36 -0.05 1.18 -8.14
CA GLU A 36 -0.31 2.00 -9.34
C GLU A 36 0.51 3.30 -9.27
N LEU A 37 0.47 3.94 -8.10
CA LEU A 37 1.22 5.18 -7.80
C LEU A 37 2.75 4.92 -7.79
N ARG A 38 3.14 3.68 -7.45
CA ARG A 38 4.55 3.25 -7.47
C ARG A 38 5.06 3.09 -8.91
N ILE A 39 4.15 2.71 -9.82
CA ILE A 39 4.45 2.63 -11.27
C ILE A 39 4.61 4.05 -11.87
N LYS A 40 3.75 4.98 -11.43
CA LYS A 40 3.72 6.37 -11.93
C LYS A 40 4.93 7.19 -11.45
N HIS A 41 5.28 7.02 -10.16
CA HIS A 41 6.32 7.84 -9.49
C HIS A 41 7.64 7.06 -9.33
N GLY A 42 7.52 5.84 -8.79
CA GLY A 42 8.67 5.08 -8.29
C GLY A 42 8.46 4.74 -6.81
N ASN A 43 9.55 4.50 -6.06
CA ASN A 43 9.47 4.34 -4.60
C ASN A 43 9.38 5.72 -3.94
N ASP A 44 8.20 6.34 -4.10
CA ASP A 44 7.86 7.64 -3.52
C ASP A 44 6.79 7.42 -2.48
N TRP A 45 7.09 6.51 -1.54
CA TRP A 45 6.12 5.97 -0.55
C TRP A 45 5.45 7.09 0.29
N ALA A 46 6.16 8.22 0.46
CA ALA A 46 5.64 9.39 1.19
C ALA A 46 4.46 10.04 0.42
N THR A 47 4.65 10.24 -0.89
CA THR A 47 3.64 10.82 -1.80
C THR A 47 2.46 9.86 -1.97
N ILE A 48 2.81 8.56 -2.11
CA ILE A 48 1.85 7.46 -2.27
C ILE A 48 0.92 7.37 -1.04
N GLY A 49 1.55 7.21 0.14
CA GLY A 49 0.84 7.13 1.43
C GLY A 49 -0.02 8.35 1.71
N ALA A 50 0.50 9.54 1.36
CA ALA A 50 -0.21 10.82 1.52
C ALA A 50 -1.51 10.86 0.69
N ALA A 51 -1.42 10.35 -0.56
CA ALA A 51 -2.55 10.34 -1.52
C ALA A 51 -3.61 9.31 -1.11
N LEU A 52 -3.20 8.27 -0.36
CA LEU A 52 -4.12 7.25 0.21
C LEU A 52 -4.74 7.74 1.53
N GLY A 53 -3.98 8.56 2.28
CA GLY A 53 -4.36 8.97 3.65
C GLY A 53 -3.86 7.96 4.70
N ARG A 54 -2.76 7.29 4.34
CA ARG A 54 -2.08 6.28 5.17
C ARG A 54 -0.66 6.76 5.52
N SER A 55 0.09 5.90 6.23
CA SER A 55 1.52 6.11 6.51
C SER A 55 2.36 5.54 5.35
N ALA A 56 3.49 6.18 5.07
CA ALA A 56 4.44 5.77 4.02
C ALA A 56 5.08 4.42 4.40
N SER A 57 5.37 4.29 5.70
CA SER A 57 6.01 3.10 6.26
C SER A 57 5.07 1.89 6.17
N SER A 58 3.77 2.13 6.41
CA SER A 58 2.73 1.09 6.42
C SER A 58 2.49 0.52 4.99
N VAL A 59 2.47 1.39 3.97
CA VAL A 59 2.24 0.96 2.56
C VAL A 59 3.46 0.22 2.00
N LYS A 60 4.67 0.69 2.38
CA LYS A 60 5.94 0.06 2.00
C LYS A 60 6.07 -1.33 2.68
N ASP A 61 5.64 -1.39 3.95
CA ASP A 61 5.66 -2.62 4.76
C ASP A 61 4.63 -3.64 4.25
N ARG A 62 3.49 -3.13 3.72
CA ARG A 62 2.43 -3.99 3.17
C ARG A 62 2.94 -4.66 1.87
N CYS A 63 3.76 -3.92 1.11
CA CYS A 63 4.45 -4.46 -0.09
C CYS A 63 5.66 -5.33 0.28
N ARG A 64 6.25 -5.08 1.46
CA ARG A 64 7.37 -5.89 1.97
C ARG A 64 6.87 -7.31 2.33
N LEU A 65 5.63 -7.37 2.85
CA LEU A 65 4.98 -8.63 3.20
C LEU A 65 4.40 -9.30 1.94
N MET A 66 3.30 -8.72 1.37
CA MET A 66 2.53 -9.30 0.23
C MET A 66 2.16 -10.78 0.48
N LYS A 67 1.96 -11.11 1.75
CA LYS A 67 1.82 -12.48 2.21
C LYS A 67 0.85 -12.52 3.40
N ASP A 68 -0.45 -12.43 3.09
CA ASP A 68 -1.54 -12.59 4.07
C ASP A 68 -1.70 -14.07 4.41
N THR A 69 -0.85 -14.56 5.32
CA THR A 69 -0.96 -15.91 5.85
C THR A 69 -1.87 -15.88 7.09
N CYS A 70 -3.17 -16.19 6.86
CA CYS A 70 -4.20 -16.21 7.92
C CYS A 70 -3.96 -17.39 8.90
N ASN A 71 -3.19 -18.38 8.43
CA ASN A 71 -2.65 -19.46 9.25
C ASN A 71 -1.60 -18.89 10.24
N THR A 72 -2.06 -18.55 11.46
CA THR A 72 -1.18 -18.06 12.54
C THR A 72 -0.44 -19.23 13.23
N GLY A 73 -0.92 -20.47 13.00
CA GLY A 73 -0.31 -21.67 13.54
C GLY A 73 -1.07 -22.91 13.10
N ASP A 19 -17.33 -0.14 3.70
CA ASP A 19 -16.45 -1.32 3.86
C ASP A 19 -15.76 -1.68 2.53
N ARG A 20 -16.49 -1.46 1.40
CA ARG A 20 -16.10 -1.88 0.02
C ARG A 20 -15.97 -3.42 -0.04
N ASN A 21 -14.78 -3.91 0.36
CA ASN A 21 -14.48 -5.35 0.52
C ASN A 21 -13.53 -5.45 1.72
N HIS A 22 -14.04 -5.94 2.86
CA HIS A 22 -13.29 -6.03 4.12
C HIS A 22 -12.14 -7.06 4.04
N VAL A 23 -10.89 -6.56 4.01
CA VAL A 23 -9.69 -7.40 4.11
C VAL A 23 -9.22 -7.44 5.57
N GLY A 24 -9.24 -6.26 6.23
CA GLY A 24 -8.85 -6.13 7.63
C GLY A 24 -8.85 -4.68 8.07
N LYS A 25 -7.71 -4.00 7.84
CA LYS A 25 -7.53 -2.58 8.16
C LYS A 25 -7.74 -1.75 6.88
N TYR A 26 -7.19 -2.27 5.76
CA TYR A 26 -7.23 -1.63 4.44
C TYR A 26 -8.20 -2.39 3.51
N THR A 27 -8.62 -1.74 2.41
CA THR A 27 -9.42 -2.35 1.33
C THR A 27 -8.48 -2.84 0.20
N PRO A 28 -8.91 -3.82 -0.67
CA PRO A 28 -8.03 -4.37 -1.75
C PRO A 28 -7.70 -3.29 -2.80
N GLU A 29 -8.64 -2.34 -2.95
CA GLU A 29 -8.53 -1.21 -3.87
C GLU A 29 -7.45 -0.22 -3.40
N GLU A 30 -7.30 -0.07 -2.06
CA GLU A 30 -6.31 0.84 -1.46
C GLU A 30 -4.89 0.41 -1.85
N ILE A 31 -4.67 -0.92 -1.79
CA ILE A 31 -3.38 -1.53 -2.15
C ILE A 31 -3.18 -1.47 -3.67
N GLU A 32 -4.23 -1.78 -4.43
CA GLU A 32 -4.18 -1.73 -5.91
C GLU A 32 -3.88 -0.29 -6.41
N LYS A 33 -4.34 0.70 -5.63
CA LYS A 33 -4.10 2.12 -5.90
C LYS A 33 -2.66 2.52 -5.55
N LEU A 34 -2.11 1.99 -4.44
CA LEU A 34 -0.71 2.28 -4.05
C LEU A 34 0.25 1.70 -5.11
N LYS A 35 -0.16 0.57 -5.71
CA LYS A 35 0.57 -0.13 -6.79
C LYS A 35 0.46 0.62 -8.12
N GLU A 36 -0.70 1.26 -8.34
CA GLU A 36 -0.92 2.20 -9.46
C GLU A 36 0.08 3.37 -9.35
N LEU A 37 0.17 3.91 -8.13
CA LEU A 37 1.03 5.03 -7.76
C LEU A 37 2.52 4.62 -7.74
N ARG A 38 2.81 3.31 -7.49
CA ARG A 38 4.21 2.78 -7.48
C ARG A 38 4.93 3.04 -8.80
N ILE A 39 4.23 2.75 -9.90
CA ILE A 39 4.80 2.87 -11.26
C ILE A 39 4.98 4.35 -11.64
N LYS A 40 4.10 5.21 -11.08
CA LYS A 40 4.06 6.65 -11.38
C LYS A 40 5.04 7.45 -10.47
N HIS A 41 5.29 6.94 -9.25
CA HIS A 41 6.14 7.61 -8.23
C HIS A 41 7.52 6.94 -8.15
N GLY A 42 7.72 5.87 -8.96
CA GLY A 42 8.98 5.17 -9.04
C GLY A 42 9.27 4.31 -7.81
N ASN A 43 9.97 4.91 -6.83
CA ASN A 43 10.37 4.23 -5.57
C ASN A 43 9.81 4.94 -4.33
N ASP A 44 9.23 6.15 -4.53
CA ASP A 44 8.63 6.97 -3.46
C ASP A 44 7.50 6.19 -2.73
N TRP A 45 7.69 5.97 -1.43
CA TRP A 45 6.63 5.50 -0.52
C TRP A 45 5.71 6.64 -0.04
N ALA A 46 6.31 7.83 0.15
CA ALA A 46 5.76 8.90 1.00
C ALA A 46 4.55 9.61 0.38
N THR A 47 4.69 10.04 -0.89
CA THR A 47 3.65 10.83 -1.59
C THR A 47 2.48 9.92 -1.98
N ILE A 48 2.78 8.61 -2.14
CA ILE A 48 1.77 7.56 -2.29
C ILE A 48 0.87 7.51 -1.04
N GLY A 49 1.52 7.31 0.13
CA GLY A 49 0.82 7.27 1.43
C GLY A 49 0.07 8.56 1.73
N ALA A 50 0.59 9.70 1.22
CA ALA A 50 -0.03 11.03 1.37
C ALA A 50 -1.33 11.13 0.56
N ALA A 51 -1.30 10.59 -0.68
CA ALA A 51 -2.45 10.61 -1.61
C ALA A 51 -3.58 9.68 -1.12
N LEU A 52 -3.19 8.58 -0.46
CA LEU A 52 -4.14 7.60 0.11
C LEU A 52 -4.64 8.02 1.49
N GLY A 53 -3.87 8.86 2.18
CA GLY A 53 -4.12 9.22 3.59
C GLY A 53 -3.70 8.13 4.55
N ARG A 54 -2.86 7.19 4.07
CA ARG A 54 -2.40 6.00 4.83
C ARG A 54 -0.91 6.16 5.21
N SER A 55 -0.39 5.22 6.02
CA SER A 55 1.01 5.24 6.46
C SER A 55 1.93 4.85 5.29
N ALA A 56 3.01 5.62 5.08
CA ALA A 56 4.02 5.36 4.04
C ALA A 56 4.77 4.03 4.31
N SER A 57 4.91 3.69 5.61
CA SER A 57 5.49 2.42 6.07
C SER A 57 4.57 1.24 5.71
N SER A 58 3.24 1.47 5.75
CA SER A 58 2.23 0.44 5.45
C SER A 58 2.15 0.19 3.94
N VAL A 59 2.17 1.28 3.12
CA VAL A 59 2.14 1.14 1.65
C VAL A 59 3.44 0.47 1.16
N LYS A 60 4.53 0.73 1.91
CA LYS A 60 5.81 0.06 1.72
C LYS A 60 5.68 -1.43 1.98
N ASP A 61 5.04 -1.77 3.10
CA ASP A 61 4.85 -3.16 3.55
C ASP A 61 4.00 -3.98 2.55
N ARG A 62 2.95 -3.37 2.00
CA ARG A 62 1.99 -4.04 1.11
C ARG A 62 2.60 -4.26 -0.28
N CYS A 63 3.28 -3.21 -0.81
CA CYS A 63 3.99 -3.29 -2.11
C CYS A 63 5.17 -4.25 -2.04
N ARG A 64 5.83 -4.29 -0.87
CA ARG A 64 6.98 -5.18 -0.62
C ARG A 64 6.49 -6.63 -0.67
N LEU A 65 5.46 -6.94 0.14
CA LEU A 65 4.87 -8.30 0.22
C LEU A 65 4.42 -8.75 -1.18
N MET A 66 3.84 -7.82 -1.95
CA MET A 66 3.29 -8.08 -3.30
C MET A 66 4.41 -8.48 -4.30
N LYS A 67 5.55 -7.74 -4.30
CA LYS A 67 6.69 -8.03 -5.20
C LYS A 67 7.64 -9.07 -4.58
N ASP A 68 8.27 -8.68 -3.48
CA ASP A 68 9.28 -9.49 -2.78
C ASP A 68 8.80 -9.76 -1.33
N THR A 69 7.99 -10.82 -1.17
CA THR A 69 7.45 -11.25 0.15
C THR A 69 8.57 -11.75 1.07
N CYS A 70 9.64 -12.29 0.46
CA CYS A 70 10.86 -12.72 1.16
C CYS A 70 11.92 -11.59 1.03
N ASN A 71 13.22 -11.96 0.97
CA ASN A 71 14.29 -11.04 0.58
C ASN A 71 15.05 -11.65 -0.61
N THR A 72 14.78 -11.11 -1.82
CA THR A 72 15.30 -11.62 -3.10
C THR A 72 16.83 -11.44 -3.22
N GLY A 73 17.39 -10.51 -2.44
CA GLY A 73 18.84 -10.26 -2.41
C GLY A 73 19.16 -8.83 -2.02
N ASP A 19 -12.74 15.58 10.60
CA ASP A 19 -12.87 14.58 9.53
C ASP A 19 -11.83 13.46 9.70
N ARG A 20 -12.24 12.39 10.39
CA ARG A 20 -11.43 11.18 10.59
C ARG A 20 -12.30 9.93 10.33
N ASN A 21 -11.93 9.16 9.29
CA ASN A 21 -12.55 7.85 8.98
C ASN A 21 -11.92 6.77 9.87
N HIS A 22 -12.58 6.40 10.99
CA HIS A 22 -12.04 5.39 11.93
C HIS A 22 -12.15 3.95 11.34
N VAL A 23 -11.24 3.66 10.39
CA VAL A 23 -11.18 2.36 9.70
C VAL A 23 -10.00 1.53 10.24
N GLY A 24 -10.23 0.23 10.44
CA GLY A 24 -9.19 -0.67 10.97
C GLY A 24 -8.32 -1.23 9.86
N LYS A 25 -8.95 -2.06 9.01
CA LYS A 25 -8.28 -2.71 7.88
C LYS A 25 -8.38 -1.83 6.61
N TYR A 26 -7.34 -1.91 5.77
CA TYR A 26 -7.31 -1.29 4.43
C TYR A 26 -8.30 -2.00 3.49
N THR A 27 -8.93 -1.25 2.58
CA THR A 27 -9.69 -1.82 1.47
C THR A 27 -8.72 -2.25 0.35
N PRO A 28 -8.90 -3.44 -0.30
CA PRO A 28 -7.97 -3.95 -1.35
C PRO A 28 -7.80 -2.99 -2.56
N GLU A 29 -8.74 -2.03 -2.71
CA GLU A 29 -8.65 -0.96 -3.72
C GLU A 29 -7.43 -0.04 -3.45
N GLU A 30 -7.25 0.32 -2.16
CA GLU A 30 -6.12 1.17 -1.71
C GLU A 30 -4.76 0.48 -1.96
N ILE A 31 -4.77 -0.86 -1.95
CA ILE A 31 -3.56 -1.67 -2.23
C ILE A 31 -3.21 -1.61 -3.73
N GLU A 32 -4.20 -1.86 -4.60
CA GLU A 32 -4.00 -1.77 -6.05
C GLU A 32 -3.68 -0.33 -6.46
N LYS A 33 -4.22 0.63 -5.69
CA LYS A 33 -3.97 2.06 -5.87
C LYS A 33 -2.50 2.39 -5.55
N LEU A 34 -1.97 1.84 -4.42
CA LEU A 34 -0.58 2.07 -3.98
C LEU A 34 0.40 1.54 -5.04
N LYS A 35 0.02 0.40 -5.64
CA LYS A 35 0.80 -0.28 -6.69
C LYS A 35 0.81 0.53 -8.00
N GLU A 36 -0.31 1.17 -8.33
CA GLU A 36 -0.43 2.06 -9.49
C GLU A 36 0.35 3.38 -9.25
N LEU A 37 0.33 3.85 -7.99
CA LEU A 37 1.05 5.06 -7.56
C LEU A 37 2.56 4.79 -7.51
N ARG A 38 2.95 3.52 -7.25
CA ARG A 38 4.36 3.13 -7.16
C ARG A 38 5.06 3.28 -8.52
N ILE A 39 4.46 2.69 -9.55
CA ILE A 39 5.01 2.68 -10.92
C ILE A 39 5.16 4.12 -11.47
N LYS A 40 4.19 4.99 -11.11
CA LYS A 40 4.13 6.37 -11.62
C LYS A 40 5.02 7.33 -10.80
N HIS A 41 5.12 7.09 -9.48
CA HIS A 41 5.93 7.94 -8.55
C HIS A 41 7.28 7.27 -8.21
N GLY A 42 7.68 6.30 -9.05
CA GLY A 42 9.01 5.67 -8.95
C GLY A 42 9.03 4.60 -7.87
N ASN A 43 9.27 5.02 -6.62
CA ASN A 43 9.26 4.13 -5.44
C ASN A 43 9.17 4.99 -4.15
N ASP A 44 8.69 6.26 -4.30
CA ASP A 44 8.58 7.18 -3.16
C ASP A 44 7.27 6.92 -2.41
N TRP A 45 7.38 6.16 -1.32
CA TRP A 45 6.23 5.71 -0.51
C TRP A 45 5.57 6.87 0.27
N ALA A 46 6.31 7.97 0.47
CA ALA A 46 5.82 9.17 1.19
C ALA A 46 4.61 9.78 0.46
N THR A 47 4.76 9.98 -0.86
CA THR A 47 3.71 10.58 -1.72
C THR A 47 2.57 9.57 -1.98
N ILE A 48 2.93 8.28 -2.06
CA ILE A 48 1.96 7.17 -2.23
C ILE A 48 0.98 7.14 -1.03
N GLY A 49 1.55 7.04 0.18
CA GLY A 49 0.80 7.04 1.43
C GLY A 49 0.04 8.35 1.66
N ALA A 50 0.65 9.48 1.23
CA ALA A 50 0.03 10.83 1.34
C ALA A 50 -1.24 10.94 0.48
N ALA A 51 -1.17 10.35 -0.74
CA ALA A 51 -2.29 10.36 -1.71
C ALA A 51 -3.43 9.43 -1.26
N LEU A 52 -3.05 8.34 -0.58
CA LEU A 52 -4.00 7.39 0.02
C LEU A 52 -4.58 7.92 1.35
N GLY A 53 -3.82 8.81 2.01
CA GLY A 53 -4.11 9.21 3.39
C GLY A 53 -3.72 8.13 4.41
N ARG A 54 -2.95 7.13 3.93
CA ARG A 54 -2.51 5.97 4.72
C ARG A 54 -1.05 6.13 5.12
N SER A 55 -0.56 5.19 5.95
CA SER A 55 0.81 5.19 6.46
C SER A 55 1.78 4.68 5.37
N ALA A 56 2.84 5.46 5.09
CA ALA A 56 3.83 5.16 4.05
C ALA A 56 4.58 3.84 4.32
N SER A 57 4.88 3.61 5.61
CA SER A 57 5.53 2.38 6.08
C SER A 57 4.64 1.16 5.85
N SER A 58 3.33 1.31 6.13
CA SER A 58 2.35 0.22 6.03
C SER A 58 2.16 -0.23 4.56
N VAL A 59 1.99 0.73 3.66
CA VAL A 59 1.80 0.45 2.21
C VAL A 59 3.08 -0.12 1.58
N LYS A 60 4.24 0.34 2.11
CA LYS A 60 5.57 -0.14 1.72
C LYS A 60 5.76 -1.63 2.05
N ASP A 61 5.50 -1.98 3.33
CA ASP A 61 5.69 -3.34 3.86
C ASP A 61 4.62 -4.32 3.35
N ARG A 62 3.44 -3.80 3.00
CA ARG A 62 2.36 -4.61 2.40
C ARG A 62 2.77 -5.00 0.96
N CYS A 63 3.31 -4.03 0.21
CA CYS A 63 3.80 -4.26 -1.16
C CYS A 63 5.14 -5.04 -1.16
N ARG A 64 5.87 -4.95 -0.04
CA ARG A 64 7.11 -5.72 0.18
C ARG A 64 6.78 -7.21 0.39
N LEU A 65 5.70 -7.46 1.14
CA LEU A 65 5.20 -8.81 1.46
C LEU A 65 4.60 -9.46 0.19
N MET A 66 3.70 -8.71 -0.46
CA MET A 66 2.99 -9.14 -1.69
C MET A 66 3.26 -8.12 -2.80
N LYS A 67 4.36 -8.33 -3.53
CA LYS A 67 4.77 -7.50 -4.69
C LYS A 67 4.21 -8.09 -6.00
N ASP A 68 3.71 -9.35 -5.91
CA ASP A 68 3.23 -10.15 -7.04
C ASP A 68 2.17 -9.42 -7.88
N THR A 69 2.53 -9.11 -9.15
CA THR A 69 1.63 -8.49 -10.14
C THR A 69 0.72 -9.56 -10.76
N CYS A 70 -0.55 -9.20 -11.01
CA CYS A 70 -1.53 -10.07 -11.66
C CYS A 70 -1.22 -10.17 -13.17
N ASN A 71 -0.51 -11.25 -13.55
CA ASN A 71 -0.16 -11.52 -14.96
C ASN A 71 -1.41 -12.04 -15.72
N THR A 72 -2.12 -11.10 -16.33
CA THR A 72 -3.41 -11.36 -17.00
C THR A 72 -3.39 -10.91 -18.48
N GLY A 73 -2.33 -10.17 -18.87
CA GLY A 73 -2.18 -9.64 -20.23
C GLY A 73 -1.81 -10.74 -21.24
N ASP A 19 -19.41 2.65 6.89
CA ASP A 19 -18.95 2.97 5.50
C ASP A 19 -17.62 3.74 5.52
N ARG A 20 -17.35 4.47 6.61
CA ARG A 20 -16.09 5.21 6.81
C ARG A 20 -14.99 4.22 7.23
N ASN A 21 -14.40 3.53 6.23
CA ASN A 21 -13.43 2.44 6.43
C ASN A 21 -12.00 3.01 6.60
N HIS A 22 -11.80 3.73 7.70
CA HIS A 22 -10.48 4.19 8.16
C HIS A 22 -10.16 3.48 9.47
N VAL A 23 -11.22 3.23 10.25
CA VAL A 23 -11.21 2.26 11.37
C VAL A 23 -11.92 0.98 10.89
N GLY A 24 -11.15 -0.10 10.75
CA GLY A 24 -11.65 -1.38 10.24
C GLY A 24 -10.54 -2.17 9.58
N LYS A 25 -10.27 -1.87 8.29
CA LYS A 25 -9.25 -2.58 7.49
C LYS A 25 -8.99 -1.80 6.17
N TYR A 26 -7.97 -2.23 5.42
CA TYR A 26 -7.71 -1.78 4.05
C TYR A 26 -8.60 -2.57 3.06
N THR A 27 -9.02 -1.91 1.98
CA THR A 27 -9.72 -2.56 0.84
C THR A 27 -8.69 -2.87 -0.27
N PRO A 28 -9.01 -3.80 -1.24
CA PRO A 28 -8.19 -4.03 -2.46
C PRO A 28 -7.86 -2.72 -3.23
N GLU A 29 -8.70 -1.68 -3.03
CA GLU A 29 -8.49 -0.34 -3.61
C GLU A 29 -7.22 0.33 -3.08
N GLU A 30 -6.99 0.27 -1.75
CA GLU A 30 -5.76 0.84 -1.12
C GLU A 30 -4.50 0.18 -1.68
N ILE A 31 -4.53 -1.17 -1.80
CA ILE A 31 -3.36 -1.97 -2.22
C ILE A 31 -3.07 -1.77 -3.72
N GLU A 32 -4.13 -1.87 -4.55
CA GLU A 32 -4.02 -1.66 -6.00
C GLU A 32 -3.52 -0.24 -6.30
N LYS A 33 -4.18 0.75 -5.68
CA LYS A 33 -3.90 2.19 -5.92
C LYS A 33 -2.48 2.55 -5.49
N LEU A 34 -1.99 1.95 -4.38
CA LEU A 34 -0.60 2.17 -3.91
C LEU A 34 0.40 1.67 -4.95
N LYS A 35 0.04 0.51 -5.56
CA LYS A 35 0.85 -0.13 -6.61
C LYS A 35 0.77 0.64 -7.95
N GLU A 36 -0.35 1.34 -8.20
CA GLU A 36 -0.50 2.22 -9.38
C GLU A 36 0.42 3.44 -9.24
N LEU A 37 0.36 4.05 -8.04
CA LEU A 37 1.18 5.20 -7.63
C LEU A 37 2.66 4.79 -7.49
N ARG A 38 2.91 3.49 -7.24
CA ARG A 38 4.26 2.93 -7.14
C ARG A 38 4.93 2.92 -8.53
N ILE A 39 4.17 2.51 -9.56
CA ILE A 39 4.66 2.51 -10.96
C ILE A 39 4.75 3.95 -11.51
N LYS A 40 3.86 4.83 -11.02
CA LYS A 40 3.81 6.25 -11.42
C LYS A 40 5.03 7.03 -10.86
N HIS A 41 5.23 6.94 -9.54
CA HIS A 41 6.26 7.71 -8.80
C HIS A 41 7.60 6.95 -8.71
N GLY A 42 7.61 5.68 -9.18
CA GLY A 42 8.80 4.82 -9.09
C GLY A 42 9.05 4.36 -7.66
N ASN A 43 9.81 5.18 -6.91
CA ASN A 43 10.09 4.95 -5.49
C ASN A 43 9.86 6.26 -4.72
N ASP A 44 8.69 6.35 -4.08
CA ASP A 44 8.33 7.45 -3.17
C ASP A 44 7.09 7.02 -2.37
N TRP A 45 7.33 6.31 -1.26
CA TRP A 45 6.26 5.74 -0.42
C TRP A 45 5.51 6.83 0.35
N ALA A 46 6.20 7.94 0.63
CA ALA A 46 5.67 9.07 1.41
C ALA A 46 4.50 9.75 0.68
N THR A 47 4.68 9.98 -0.64
CA THR A 47 3.68 10.65 -1.50
C THR A 47 2.49 9.70 -1.79
N ILE A 48 2.79 8.38 -1.90
CA ILE A 48 1.77 7.34 -2.10
C ILE A 48 0.82 7.29 -0.88
N GLY A 49 1.43 7.18 0.32
CA GLY A 49 0.68 7.17 1.59
C GLY A 49 -0.09 8.46 1.83
N ALA A 50 0.50 9.59 1.42
CA ALA A 50 -0.12 10.93 1.52
C ALA A 50 -1.36 11.04 0.61
N ALA A 51 -1.26 10.46 -0.60
CA ALA A 51 -2.34 10.48 -1.61
C ALA A 51 -3.49 9.53 -1.20
N LEU A 52 -3.16 8.47 -0.45
CA LEU A 52 -4.13 7.49 0.09
C LEU A 52 -4.68 7.90 1.47
N GLY A 53 -3.99 8.83 2.15
CA GLY A 53 -4.32 9.17 3.53
C GLY A 53 -3.99 8.04 4.52
N ARG A 54 -3.08 7.16 4.09
CA ARG A 54 -2.60 5.99 4.85
C ARG A 54 -1.14 6.23 5.28
N SER A 55 -0.54 5.23 5.95
CA SER A 55 0.88 5.28 6.34
C SER A 55 1.78 4.88 5.15
N ALA A 56 2.93 5.57 5.03
CA ALA A 56 3.94 5.30 3.99
C ALA A 56 4.60 3.93 4.21
N SER A 57 4.70 3.52 5.49
CA SER A 57 5.25 2.21 5.88
C SER A 57 4.31 1.08 5.48
N SER A 58 2.98 1.33 5.59
CA SER A 58 1.94 0.38 5.20
C SER A 58 2.06 0.03 3.71
N VAL A 59 2.13 1.07 2.87
CA VAL A 59 2.17 0.92 1.41
C VAL A 59 3.52 0.35 0.94
N LYS A 60 4.60 0.78 1.62
CA LYS A 60 5.98 0.31 1.36
C LYS A 60 6.10 -1.20 1.53
N ASP A 61 5.70 -1.68 2.72
CA ASP A 61 5.84 -3.09 3.10
C ASP A 61 4.76 -3.96 2.46
N ARG A 62 3.60 -3.37 2.10
CA ARG A 62 2.52 -4.14 1.44
C ARG A 62 2.93 -4.52 0.01
N CYS A 63 3.51 -3.56 -0.75
CA CYS A 63 3.98 -3.81 -2.12
C CYS A 63 5.23 -4.72 -2.11
N ARG A 64 6.13 -4.44 -1.14
CA ARG A 64 7.36 -5.24 -0.86
C ARG A 64 7.02 -6.73 -0.71
N LEU A 65 6.10 -7.03 0.22
CA LEU A 65 5.74 -8.41 0.58
C LEU A 65 4.68 -8.97 -0.39
N MET A 66 3.46 -8.39 -0.34
CA MET A 66 2.26 -8.89 -1.08
C MET A 66 1.95 -10.37 -0.73
N LYS A 67 2.36 -10.81 0.47
CA LYS A 67 2.23 -12.21 0.91
C LYS A 67 0.80 -12.48 1.41
N ASP A 68 -0.14 -12.57 0.46
CA ASP A 68 -1.55 -12.92 0.70
C ASP A 68 -1.73 -14.44 0.76
N THR A 69 -0.76 -15.17 0.18
CA THR A 69 -0.71 -16.64 0.20
C THR A 69 0.48 -17.07 1.09
N CYS A 70 0.27 -17.04 2.41
CA CYS A 70 1.31 -17.36 3.41
C CYS A 70 0.67 -17.67 4.77
N ASN A 71 0.97 -18.85 5.33
CA ASN A 71 0.57 -19.24 6.70
C ASN A 71 1.84 -19.42 7.56
N THR A 72 1.76 -18.95 8.82
CA THR A 72 2.80 -19.14 9.87
C THR A 72 4.08 -18.28 9.64
N GLY A 73 4.16 -17.61 8.46
CA GLY A 73 5.34 -16.81 8.08
C GLY A 73 5.40 -15.47 8.83
N ASP A 19 -19.15 1.67 12.98
CA ASP A 19 -18.46 2.97 12.80
C ASP A 19 -17.65 3.36 14.06
N ARG A 20 -17.22 2.35 14.83
CA ARG A 20 -16.27 2.53 15.94
C ARG A 20 -14.82 2.56 15.39
N ASN A 21 -14.61 1.89 14.24
CA ASN A 21 -13.29 1.84 13.57
C ASN A 21 -13.47 1.45 12.09
N HIS A 22 -12.68 2.10 11.21
CA HIS A 22 -12.67 1.83 9.76
C HIS A 22 -11.25 1.94 9.21
N VAL A 23 -10.51 2.99 9.65
CA VAL A 23 -9.15 3.28 9.15
C VAL A 23 -8.12 2.24 9.63
N GLY A 24 -8.49 1.44 10.66
CA GLY A 24 -7.66 0.34 11.13
C GLY A 24 -7.52 -0.81 10.13
N LYS A 25 -8.40 -0.81 9.12
CA LYS A 25 -8.35 -1.76 7.99
C LYS A 25 -8.13 -0.98 6.68
N TYR A 26 -7.48 -1.62 5.70
CA TYR A 26 -7.40 -1.15 4.30
C TYR A 26 -8.48 -1.85 3.44
N THR A 27 -8.69 -1.33 2.22
CA THR A 27 -9.48 -2.00 1.18
C THR A 27 -8.52 -2.46 0.07
N PRO A 28 -8.76 -3.64 -0.62
CA PRO A 28 -7.86 -4.16 -1.69
C PRO A 28 -7.63 -3.16 -2.85
N GLU A 29 -8.56 -2.19 -3.01
CA GLU A 29 -8.45 -1.11 -4.01
C GLU A 29 -7.29 -0.14 -3.65
N GLU A 30 -7.15 0.16 -2.34
CA GLU A 30 -6.05 1.02 -1.83
C GLU A 30 -4.67 0.34 -1.97
N ILE A 31 -4.66 -1.01 -1.92
CA ILE A 31 -3.44 -1.80 -2.19
C ILE A 31 -3.05 -1.68 -3.68
N GLU A 32 -4.03 -1.91 -4.58
CA GLU A 32 -3.80 -1.80 -6.04
C GLU A 32 -3.44 -0.35 -6.43
N LYS A 33 -3.97 0.62 -5.67
CA LYS A 33 -3.75 2.05 -5.90
C LYS A 33 -2.36 2.48 -5.39
N LEU A 34 -1.86 1.82 -4.32
CA LEU A 34 -0.48 2.10 -3.81
C LEU A 34 0.54 1.53 -4.80
N LYS A 35 0.18 0.41 -5.43
CA LYS A 35 0.97 -0.24 -6.50
C LYS A 35 0.94 0.59 -7.80
N GLU A 36 -0.22 1.22 -8.09
CA GLU A 36 -0.39 2.11 -9.25
C GLU A 36 0.44 3.39 -9.07
N LEU A 37 0.36 3.93 -7.84
CA LEU A 37 1.13 5.11 -7.40
C LEU A 37 2.63 4.79 -7.32
N ARG A 38 2.97 3.51 -7.08
CA ARG A 38 4.37 3.04 -7.16
C ARG A 38 4.89 3.15 -8.61
N ILE A 39 4.05 2.72 -9.56
CA ILE A 39 4.38 2.77 -11.00
C ILE A 39 4.49 4.23 -11.50
N LYS A 40 3.71 5.16 -10.89
CA LYS A 40 3.72 6.59 -11.28
C LYS A 40 4.85 7.37 -10.55
N HIS A 41 5.08 7.06 -9.27
CA HIS A 41 6.01 7.83 -8.39
C HIS A 41 7.31 7.05 -8.12
N GLY A 42 7.61 6.04 -8.99
CA GLY A 42 8.83 5.24 -8.88
C GLY A 42 8.79 4.25 -7.71
N ASN A 43 9.03 4.78 -6.50
CA ASN A 43 8.90 4.04 -5.24
C ASN A 43 8.89 5.03 -4.05
N ASP A 44 8.53 6.30 -4.32
CA ASP A 44 8.47 7.34 -3.28
C ASP A 44 7.22 7.13 -2.42
N TRP A 45 7.37 6.29 -1.38
CA TRP A 45 6.27 5.85 -0.49
C TRP A 45 5.65 7.02 0.28
N ALA A 46 6.41 8.12 0.42
CA ALA A 46 5.96 9.34 1.11
C ALA A 46 4.75 9.97 0.41
N THR A 47 4.86 10.14 -0.91
CA THR A 47 3.78 10.73 -1.74
C THR A 47 2.65 9.71 -1.99
N ILE A 48 3.03 8.42 -2.13
CA ILE A 48 2.06 7.31 -2.29
C ILE A 48 1.07 7.28 -1.09
N GLY A 49 1.64 7.14 0.12
CA GLY A 49 0.89 7.12 1.37
C GLY A 49 0.11 8.42 1.60
N ALA A 50 0.75 9.57 1.28
CA ALA A 50 0.15 10.92 1.45
C ALA A 50 -1.11 11.10 0.58
N ALA A 51 -1.06 10.55 -0.65
CA ALA A 51 -2.16 10.64 -1.63
C ALA A 51 -3.31 9.72 -1.23
N LEU A 52 -2.98 8.57 -0.62
CA LEU A 52 -3.97 7.63 -0.07
C LEU A 52 -4.54 8.13 1.28
N GLY A 53 -3.79 9.02 1.96
CA GLY A 53 -4.11 9.43 3.34
C GLY A 53 -3.74 8.35 4.37
N ARG A 54 -2.94 7.37 3.91
CA ARG A 54 -2.48 6.24 4.72
C ARG A 54 -1.04 6.45 5.18
N SER A 55 -0.56 5.55 6.05
CA SER A 55 0.82 5.56 6.55
C SER A 55 1.78 5.12 5.43
N ALA A 56 2.76 5.97 5.10
CA ALA A 56 3.80 5.68 4.10
C ALA A 56 4.60 4.42 4.47
N SER A 57 4.81 4.23 5.78
CA SER A 57 5.48 3.04 6.36
C SER A 57 4.69 1.76 6.05
N SER A 58 3.36 1.83 6.20
CA SER A 58 2.46 0.68 6.06
C SER A 58 2.28 0.26 4.59
N VAL A 59 2.24 1.25 3.66
CA VAL A 59 2.09 0.96 2.21
C VAL A 59 3.43 0.41 1.65
N LYS A 60 4.54 0.90 2.21
CA LYS A 60 5.90 0.39 1.92
C LYS A 60 6.01 -1.08 2.32
N ASP A 61 5.57 -1.37 3.56
CA ASP A 61 5.62 -2.72 4.16
C ASP A 61 4.70 -3.70 3.41
N ARG A 62 3.51 -3.21 3.01
CA ARG A 62 2.49 -4.02 2.32
C ARG A 62 2.99 -4.45 0.92
N CYS A 63 3.62 -3.51 0.20
CA CYS A 63 4.13 -3.76 -1.16
C CYS A 63 5.43 -4.59 -1.15
N ARG A 64 6.26 -4.37 -0.12
CA ARG A 64 7.55 -5.07 0.04
C ARG A 64 7.32 -6.56 0.36
N LEU A 65 6.37 -6.81 1.27
CA LEU A 65 5.97 -8.17 1.68
C LEU A 65 5.20 -8.88 0.54
N MET A 66 4.27 -8.14 -0.08
CA MET A 66 3.47 -8.62 -1.22
C MET A 66 4.20 -8.29 -2.53
N LYS A 67 5.33 -8.97 -2.76
CA LYS A 67 6.00 -9.00 -4.07
C LYS A 67 5.13 -9.82 -5.03
N ASP A 68 4.78 -11.02 -4.54
CA ASP A 68 3.79 -11.92 -5.14
C ASP A 68 3.45 -13.01 -4.11
N THR A 69 2.46 -13.86 -4.44
CA THR A 69 1.99 -14.92 -3.51
C THR A 69 2.96 -16.13 -3.46
N CYS A 70 3.76 -16.30 -4.55
CA CYS A 70 4.67 -17.47 -4.75
C CYS A 70 3.87 -18.79 -4.79
N ASN A 71 2.59 -18.67 -5.18
CA ASN A 71 1.61 -19.75 -5.20
C ASN A 71 0.46 -19.33 -6.12
N THR A 72 0.11 -20.19 -7.08
CA THR A 72 -0.90 -19.90 -8.13
C THR A 72 -2.32 -20.38 -7.71
N GLY A 73 -2.47 -20.75 -6.42
CA GLY A 73 -3.71 -21.32 -5.90
C GLY A 73 -3.47 -22.78 -5.51
N ASP A 19 -16.95 6.89 7.74
CA ASP A 19 -17.85 7.34 8.84
C ASP A 19 -17.32 6.83 10.19
N ARG A 20 -16.73 5.61 10.17
CA ARG A 20 -16.29 4.90 11.40
C ARG A 20 -14.83 4.43 11.25
N ASN A 21 -14.08 4.42 12.37
CA ASN A 21 -12.66 3.99 12.41
C ASN A 21 -12.55 2.55 12.96
N HIS A 22 -13.60 1.74 12.71
CA HIS A 22 -13.64 0.32 13.15
C HIS A 22 -12.89 -0.59 12.16
N VAL A 23 -12.35 0.02 11.08
CA VAL A 23 -11.49 -0.66 10.11
C VAL A 23 -10.03 -0.14 10.27
N GLY A 24 -9.19 -0.99 10.89
CA GLY A 24 -7.74 -0.76 10.97
C GLY A 24 -6.97 -1.53 9.90
N LYS A 25 -7.71 -1.92 8.84
CA LYS A 25 -7.19 -2.69 7.70
C LYS A 25 -7.12 -1.79 6.46
N TYR A 26 -6.73 -2.40 5.33
CA TYR A 26 -6.69 -1.76 4.01
C TYR A 26 -7.65 -2.51 3.07
N THR A 27 -8.56 -1.77 2.43
CA THR A 27 -9.43 -2.31 1.37
C THR A 27 -8.58 -2.58 0.09
N PRO A 28 -8.91 -3.65 -0.73
CA PRO A 28 -8.08 -4.08 -1.89
C PRO A 28 -7.77 -2.93 -2.89
N GLU A 29 -8.68 -1.93 -2.98
CA GLU A 29 -8.48 -0.71 -3.78
C GLU A 29 -7.18 0.01 -3.40
N GLU A 30 -6.99 0.22 -2.09
CA GLU A 30 -5.87 1.00 -1.52
C GLU A 30 -4.50 0.33 -1.78
N ILE A 31 -4.48 -1.02 -1.81
CA ILE A 31 -3.26 -1.76 -2.13
C ILE A 31 -2.92 -1.58 -3.63
N GLU A 32 -3.91 -1.85 -4.51
CA GLU A 32 -3.73 -1.67 -5.97
C GLU A 32 -3.45 -0.18 -6.33
N LYS A 33 -3.90 0.73 -5.45
CA LYS A 33 -3.72 2.17 -5.63
C LYS A 33 -2.28 2.59 -5.24
N LEU A 34 -1.72 1.96 -4.18
CA LEU A 34 -0.31 2.22 -3.76
C LEU A 34 0.63 1.74 -4.88
N LYS A 35 0.24 0.61 -5.49
CA LYS A 35 0.98 -0.03 -6.58
C LYS A 35 0.89 0.78 -7.88
N GLU A 36 -0.30 1.35 -8.16
CA GLU A 36 -0.55 2.20 -9.34
C GLU A 36 0.32 3.47 -9.28
N LEU A 37 0.31 4.08 -8.10
CA LEU A 37 1.10 5.26 -7.77
C LEU A 37 2.61 4.92 -7.72
N ARG A 38 2.96 3.65 -7.42
CA ARG A 38 4.36 3.17 -7.45
C ARG A 38 4.87 3.05 -8.90
N ILE A 39 3.97 2.68 -9.83
CA ILE A 39 4.29 2.58 -11.26
C ILE A 39 4.62 3.98 -11.85
N LYS A 40 3.84 4.98 -11.42
CA LYS A 40 3.93 6.36 -11.96
C LYS A 40 5.05 7.18 -11.29
N HIS A 41 5.05 7.21 -9.95
CA HIS A 41 6.00 8.01 -9.14
C HIS A 41 7.31 7.25 -8.91
N GLY A 42 7.17 5.97 -8.52
CA GLY A 42 8.31 5.15 -8.13
C GLY A 42 8.18 4.69 -6.69
N ASN A 43 9.32 4.55 -6.00
CA ASN A 43 9.36 4.05 -4.60
C ASN A 43 9.20 5.21 -3.59
N ASP A 44 8.45 6.25 -3.98
CA ASP A 44 8.17 7.43 -3.14
C ASP A 44 7.01 7.13 -2.19
N TRP A 45 7.28 6.29 -1.18
CA TRP A 45 6.26 5.79 -0.23
C TRP A 45 5.58 6.91 0.55
N ALA A 46 6.34 7.99 0.81
CA ALA A 46 5.85 9.21 1.48
C ALA A 46 4.73 9.87 0.64
N THR A 47 5.01 10.01 -0.68
CA THR A 47 4.10 10.65 -1.65
C THR A 47 2.83 9.79 -1.87
N ILE A 48 3.08 8.47 -2.06
CA ILE A 48 2.05 7.46 -2.30
C ILE A 48 1.08 7.40 -1.10
N GLY A 49 1.64 7.18 0.09
CA GLY A 49 0.88 7.06 1.35
C GLY A 49 0.09 8.33 1.67
N ALA A 50 0.70 9.50 1.35
CA ALA A 50 0.04 10.82 1.52
C ALA A 50 -1.19 10.95 0.61
N ALA A 51 -1.07 10.44 -0.62
CA ALA A 51 -2.15 10.48 -1.62
C ALA A 51 -3.30 9.52 -1.24
N LEU A 52 -2.93 8.40 -0.59
CA LEU A 52 -3.89 7.41 -0.08
C LEU A 52 -4.60 7.92 1.19
N GLY A 53 -3.89 8.77 1.95
CA GLY A 53 -4.31 9.20 3.27
C GLY A 53 -4.04 8.13 4.33
N ARG A 54 -3.08 7.23 4.03
CA ARG A 54 -2.68 6.10 4.90
C ARG A 54 -1.20 6.21 5.26
N SER A 55 -0.71 5.31 6.13
CA SER A 55 0.68 5.30 6.60
C SER A 55 1.65 4.79 5.51
N ALA A 56 2.66 5.63 5.19
CA ALA A 56 3.70 5.35 4.19
C ALA A 56 4.48 4.08 4.53
N SER A 57 4.77 3.90 5.83
CA SER A 57 5.51 2.74 6.35
C SER A 57 4.71 1.44 6.17
N SER A 58 3.38 1.54 6.30
CA SER A 58 2.47 0.38 6.24
C SER A 58 2.24 -0.09 4.79
N VAL A 59 2.12 0.86 3.84
CA VAL A 59 1.95 0.54 2.41
C VAL A 59 3.27 -0.05 1.84
N LYS A 60 4.39 0.50 2.33
CA LYS A 60 5.74 0.03 2.04
C LYS A 60 5.94 -1.41 2.52
N ASP A 61 5.55 -1.65 3.79
CA ASP A 61 5.74 -2.94 4.47
C ASP A 61 4.85 -4.02 3.85
N ARG A 62 3.60 -3.66 3.50
CA ARG A 62 2.64 -4.58 2.88
C ARG A 62 3.12 -5.02 1.49
N CYS A 63 3.76 -4.10 0.74
CA CYS A 63 4.36 -4.42 -0.57
C CYS A 63 5.71 -5.16 -0.41
N ARG A 64 6.41 -4.89 0.72
CA ARG A 64 7.73 -5.49 1.04
C ARG A 64 7.57 -6.95 1.55
N LEU A 65 6.37 -7.25 2.10
CA LEU A 65 5.99 -8.63 2.51
C LEU A 65 5.34 -9.36 1.33
N MET A 66 4.26 -8.77 0.82
CA MET A 66 3.45 -9.33 -0.29
C MET A 66 3.87 -8.68 -1.62
N LYS A 67 4.72 -9.41 -2.36
CA LYS A 67 5.12 -9.01 -3.72
C LYS A 67 4.04 -9.45 -4.71
N ASP A 68 3.70 -8.57 -5.64
CA ASP A 68 2.81 -8.90 -6.78
C ASP A 68 3.65 -9.39 -7.96
N THR A 69 2.99 -10.05 -8.91
CA THR A 69 3.65 -10.61 -10.09
C THR A 69 2.66 -10.63 -11.28
N CYS A 70 3.17 -11.04 -12.45
CA CYS A 70 2.38 -11.17 -13.68
C CYS A 70 2.44 -12.65 -14.10
N ASN A 71 1.29 -13.34 -14.03
CA ASN A 71 1.15 -14.75 -14.47
C ASN A 71 0.69 -14.79 -15.93
N THR A 72 0.87 -15.96 -16.58
CA THR A 72 0.53 -16.19 -18.01
C THR A 72 1.37 -15.26 -18.94
N GLY A 73 2.61 -15.69 -19.26
CA GLY A 73 3.52 -14.92 -20.10
C GLY A 73 4.98 -15.32 -19.90
N ASP A 19 -4.75 -11.75 19.02
CA ASP A 19 -4.63 -10.98 17.76
C ASP A 19 -5.53 -11.59 16.69
N ARG A 20 -6.10 -10.72 15.86
CA ARG A 20 -6.97 -11.13 14.75
C ARG A 20 -6.14 -11.17 13.46
N ASN A 21 -6.15 -12.34 12.80
CA ASN A 21 -5.38 -12.58 11.54
C ASN A 21 -6.10 -11.95 10.33
N HIS A 22 -6.06 -10.60 10.29
CA HIS A 22 -6.63 -9.77 9.21
C HIS A 22 -5.73 -8.54 9.04
N VAL A 23 -5.43 -7.86 10.18
CA VAL A 23 -4.48 -6.72 10.31
C VAL A 23 -4.96 -5.47 9.53
N GLY A 24 -4.85 -5.52 8.17
CA GLY A 24 -5.19 -4.39 7.30
C GLY A 24 -6.68 -4.01 7.34
N LYS A 25 -6.96 -2.74 7.63
CA LYS A 25 -8.31 -2.15 7.62
C LYS A 25 -8.51 -1.29 6.35
N TYR A 26 -7.73 -1.61 5.31
CA TYR A 26 -7.75 -0.93 4.01
C TYR A 26 -8.97 -1.37 3.18
N THR A 27 -9.30 -0.58 2.14
CA THR A 27 -10.20 -1.04 1.06
C THR A 27 -9.38 -1.95 0.10
N PRO A 28 -10.03 -2.88 -0.66
CA PRO A 28 -9.34 -3.68 -1.69
C PRO A 28 -8.69 -2.80 -2.79
N GLU A 29 -9.13 -1.53 -2.88
CA GLU A 29 -8.58 -0.55 -3.82
C GLU A 29 -7.21 -0.04 -3.36
N GLU A 30 -7.05 0.24 -2.04
CA GLU A 30 -5.85 0.94 -1.48
C GLU A 30 -4.52 0.28 -1.86
N ILE A 31 -4.49 -1.06 -1.85
CA ILE A 31 -3.28 -1.83 -2.17
C ILE A 31 -2.99 -1.73 -3.68
N GLU A 32 -4.02 -2.01 -4.49
CA GLU A 32 -3.95 -1.91 -5.97
C GLU A 32 -3.60 -0.46 -6.42
N LYS A 33 -4.03 0.51 -5.60
CA LYS A 33 -3.82 1.94 -5.82
C LYS A 33 -2.34 2.29 -5.60
N LEU A 34 -1.79 1.80 -4.47
CA LEU A 34 -0.39 2.08 -4.08
C LEU A 34 0.58 1.45 -5.08
N LYS A 35 0.16 0.32 -5.66
CA LYS A 35 0.93 -0.43 -6.68
C LYS A 35 0.92 0.29 -8.06
N GLU A 36 -0.24 0.87 -8.43
CA GLU A 36 -0.36 1.70 -9.66
C GLU A 36 0.51 2.96 -9.52
N LEU A 37 0.32 3.65 -8.39
CA LEU A 37 1.05 4.88 -8.03
C LEU A 37 2.55 4.61 -7.83
N ARG A 38 2.90 3.36 -7.45
CA ARG A 38 4.30 2.94 -7.27
C ARG A 38 5.10 3.09 -8.56
N ILE A 39 4.52 2.60 -9.67
CA ILE A 39 5.16 2.62 -10.99
C ILE A 39 5.26 4.06 -11.53
N LYS A 40 4.23 4.87 -11.21
CA LYS A 40 4.10 6.26 -11.69
C LYS A 40 4.99 7.23 -10.85
N HIS A 41 5.25 6.88 -9.58
CA HIS A 41 6.10 7.70 -8.66
C HIS A 41 7.51 7.10 -8.53
N GLY A 42 7.72 5.90 -9.10
CA GLY A 42 8.98 5.18 -8.98
C GLY A 42 9.22 4.71 -7.55
N ASN A 43 10.13 5.41 -6.84
CA ASN A 43 10.53 5.09 -5.45
C ASN A 43 9.84 6.04 -4.43
N ASP A 44 9.13 7.06 -4.93
CA ASP A 44 8.48 8.08 -4.07
C ASP A 44 7.21 7.51 -3.41
N TRP A 45 7.42 6.83 -2.26
CA TRP A 45 6.33 6.29 -1.42
C TRP A 45 5.61 7.40 -0.63
N ALA A 46 6.29 8.55 -0.44
CA ALA A 46 5.80 9.66 0.40
C ALA A 46 4.45 10.18 -0.08
N THR A 47 4.36 10.45 -1.39
CA THR A 47 3.15 11.03 -2.01
C THR A 47 2.08 9.93 -2.28
N ILE A 48 2.53 8.67 -2.44
CA ILE A 48 1.62 7.51 -2.56
C ILE A 48 0.79 7.39 -1.26
N GLY A 49 1.51 7.28 -0.12
CA GLY A 49 0.89 7.21 1.20
C GLY A 49 0.07 8.45 1.53
N ALA A 50 0.54 9.62 1.06
CA ALA A 50 -0.18 10.90 1.24
C ALA A 50 -1.54 10.90 0.52
N ALA A 51 -1.59 10.26 -0.68
CA ALA A 51 -2.83 10.14 -1.48
C ALA A 51 -3.83 9.17 -0.82
N LEU A 52 -3.28 8.11 -0.20
CA LEU A 52 -4.07 7.09 0.53
C LEU A 52 -4.54 7.62 1.90
N GLY A 53 -3.79 8.60 2.46
CA GLY A 53 -4.00 9.07 3.83
C GLY A 53 -3.37 8.15 4.88
N ARG A 54 -2.43 7.32 4.40
CA ARG A 54 -1.73 6.29 5.20
C ARG A 54 -0.24 6.66 5.35
N SER A 55 0.45 5.91 6.22
CA SER A 55 1.89 6.04 6.44
C SER A 55 2.65 5.47 5.22
N ALA A 56 3.63 6.23 4.71
CA ALA A 56 4.43 5.85 3.52
C ALA A 56 5.26 4.58 3.79
N SER A 57 5.74 4.45 5.05
CA SER A 57 6.48 3.27 5.50
C SER A 57 5.58 2.02 5.54
N SER A 58 4.31 2.20 5.98
CA SER A 58 3.34 1.09 6.07
C SER A 58 3.04 0.49 4.68
N VAL A 59 2.80 1.38 3.70
CA VAL A 59 2.42 0.95 2.33
C VAL A 59 3.64 0.44 1.54
N LYS A 60 4.84 1.01 1.84
CA LYS A 60 6.12 0.56 1.27
C LYS A 60 6.40 -0.90 1.66
N ASP A 61 6.46 -1.14 2.97
CA ASP A 61 6.78 -2.44 3.56
C ASP A 61 5.65 -3.46 3.36
N ARG A 62 4.42 -2.96 3.17
CA ARG A 62 3.27 -3.82 2.79
C ARG A 62 3.53 -4.43 1.40
N CYS A 63 3.93 -3.57 0.43
CA CYS A 63 4.21 -4.01 -0.95
C CYS A 63 5.57 -4.74 -1.06
N ARG A 64 6.49 -4.45 -0.12
CA ARG A 64 7.83 -5.07 -0.07
C ARG A 64 7.75 -6.51 0.49
N LEU A 65 7.19 -6.65 1.69
CA LEU A 65 7.03 -7.95 2.39
C LEU A 65 6.00 -8.82 1.63
N MET A 66 4.82 -8.25 1.36
CA MET A 66 3.83 -8.89 0.48
C MET A 66 4.11 -8.44 -0.97
N LYS A 67 5.24 -8.93 -1.49
CA LYS A 67 5.62 -8.75 -2.89
C LYS A 67 4.81 -9.72 -3.74
N ASP A 68 3.83 -9.17 -4.48
CA ASP A 68 2.92 -9.96 -5.30
C ASP A 68 3.66 -10.58 -6.50
N THR A 69 3.43 -11.87 -6.72
CA THR A 69 3.93 -12.59 -7.88
C THR A 69 2.95 -12.40 -9.06
N CYS A 70 3.03 -11.20 -9.67
CA CYS A 70 2.22 -10.84 -10.85
C CYS A 70 2.72 -11.60 -12.08
N ASN A 71 4.05 -11.71 -12.21
CA ASN A 71 4.69 -12.50 -13.27
C ASN A 71 4.66 -13.99 -12.90
N THR A 72 3.75 -14.74 -13.57
CA THR A 72 3.57 -16.20 -13.37
C THR A 72 3.13 -16.51 -11.92
N GLY A 73 1.82 -16.38 -11.65
CA GLY A 73 1.24 -16.71 -10.35
C GLY A 73 -0.11 -17.43 -10.52
N ASP A 19 -15.57 7.93 7.47
CA ASP A 19 -16.06 8.48 8.75
C ASP A 19 -14.95 8.47 9.80
N ARG A 20 -14.09 7.43 9.77
CA ARG A 20 -12.92 7.31 10.67
C ARG A 20 -11.65 7.07 9.86
N ASN A 21 -10.68 7.98 9.99
CA ASN A 21 -9.33 7.83 9.41
C ASN A 21 -8.48 7.07 10.43
N HIS A 22 -8.32 5.75 10.21
CA HIS A 22 -7.63 4.86 11.16
C HIS A 22 -6.77 3.83 10.41
N VAL A 23 -5.47 3.78 10.73
CA VAL A 23 -4.51 2.84 10.10
C VAL A 23 -4.66 1.43 10.70
N GLY A 24 -4.47 0.40 9.85
CA GLY A 24 -4.63 -1.00 10.24
C GLY A 24 -5.44 -1.76 9.20
N LYS A 25 -6.68 -1.28 8.98
CA LYS A 25 -7.59 -1.83 7.97
C LYS A 25 -7.32 -1.18 6.60
N TYR A 26 -6.98 -2.01 5.61
CA TYR A 26 -6.81 -1.58 4.21
C TYR A 26 -7.88 -2.23 3.33
N THR A 27 -8.60 -1.40 2.60
CA THR A 27 -9.51 -1.83 1.52
C THR A 27 -8.66 -2.25 0.30
N PRO A 28 -9.04 -3.33 -0.46
CA PRO A 28 -8.20 -3.90 -1.57
C PRO A 28 -7.89 -2.88 -2.70
N GLU A 29 -8.74 -1.85 -2.81
CA GLU A 29 -8.55 -0.74 -3.77
C GLU A 29 -7.23 0.01 -3.51
N GLU A 30 -6.89 0.20 -2.20
CA GLU A 30 -5.70 0.95 -1.75
C GLU A 30 -4.40 0.21 -2.08
N ILE A 31 -4.47 -1.13 -2.12
CA ILE A 31 -3.32 -1.98 -2.48
C ILE A 31 -3.01 -1.78 -3.98
N GLU A 32 -4.04 -1.99 -4.81
CA GLU A 32 -3.96 -1.79 -6.27
C GLU A 32 -3.59 -0.33 -6.62
N LYS A 33 -4.06 0.60 -5.77
CA LYS A 33 -3.86 2.05 -5.94
C LYS A 33 -2.41 2.44 -5.63
N LEU A 34 -1.87 1.87 -4.52
CA LEU A 34 -0.50 2.18 -4.05
C LEU A 34 0.51 1.65 -5.07
N LYS A 35 0.19 0.48 -5.66
CA LYS A 35 1.00 -0.18 -6.68
C LYS A 35 0.96 0.60 -8.01
N GLU A 36 -0.25 1.11 -8.36
CA GLU A 36 -0.44 1.97 -9.54
C GLU A 36 0.42 3.23 -9.43
N LEU A 37 0.33 3.90 -8.27
CA LEU A 37 1.11 5.10 -7.94
C LEU A 37 2.62 4.80 -7.90
N ARG A 38 2.97 3.58 -7.46
CA ARG A 38 4.38 3.17 -7.33
C ARG A 38 5.04 3.02 -8.71
N ILE A 39 4.26 2.56 -9.69
CA ILE A 39 4.72 2.43 -11.09
C ILE A 39 4.82 3.83 -11.75
N LYS A 40 3.91 4.75 -11.35
CA LYS A 40 3.84 6.10 -11.94
C LYS A 40 4.81 7.10 -11.28
N HIS A 41 5.27 6.81 -10.05
CA HIS A 41 6.17 7.73 -9.27
C HIS A 41 7.58 7.11 -9.10
N GLY A 42 7.62 5.79 -8.85
CA GLY A 42 8.88 5.05 -8.68
C GLY A 42 8.98 4.41 -7.30
N ASN A 43 9.55 5.14 -6.34
CA ASN A 43 9.72 4.70 -4.93
C ASN A 43 9.30 5.84 -3.98
N ASP A 44 8.34 6.66 -4.44
CA ASP A 44 7.78 7.77 -3.65
C ASP A 44 6.71 7.26 -2.68
N TRP A 45 7.13 6.46 -1.69
CA TRP A 45 6.23 5.81 -0.72
C TRP A 45 5.52 6.85 0.17
N ALA A 46 6.24 7.94 0.46
CA ALA A 46 5.72 9.06 1.25
C ALA A 46 4.56 9.76 0.50
N THR A 47 4.76 9.96 -0.81
CA THR A 47 3.77 10.58 -1.71
C THR A 47 2.51 9.68 -1.85
N ILE A 48 2.75 8.37 -1.97
CA ILE A 48 1.69 7.34 -2.11
C ILE A 48 0.79 7.30 -0.86
N GLY A 49 1.44 7.14 0.31
CA GLY A 49 0.76 7.06 1.60
C GLY A 49 -0.02 8.35 1.92
N ALA A 50 0.58 9.50 1.57
CA ALA A 50 -0.04 10.82 1.75
C ALA A 50 -1.30 10.99 0.88
N ALA A 51 -1.22 10.48 -0.38
CA ALA A 51 -2.33 10.56 -1.37
C ALA A 51 -3.53 9.73 -0.89
N LEU A 52 -3.23 8.55 -0.33
CA LEU A 52 -4.22 7.62 0.26
C LEU A 52 -4.72 8.16 1.63
N GLY A 53 -3.89 8.99 2.29
CA GLY A 53 -4.19 9.54 3.62
C GLY A 53 -3.92 8.52 4.73
N ARG A 54 -3.08 7.52 4.42
CA ARG A 54 -2.68 6.44 5.35
C ARG A 54 -1.18 6.58 5.65
N SER A 55 -0.61 5.60 6.38
CA SER A 55 0.83 5.56 6.68
C SER A 55 1.64 5.12 5.42
N ALA A 56 2.80 5.75 5.22
CA ALA A 56 3.72 5.45 4.11
C ALA A 56 4.45 4.09 4.34
N SER A 57 4.69 3.78 5.62
CA SER A 57 5.34 2.53 6.06
C SER A 57 4.47 1.31 5.72
N SER A 58 3.15 1.45 5.95
CA SER A 58 2.17 0.38 5.74
C SER A 58 2.01 0.07 4.23
N VAL A 59 1.99 1.11 3.36
CA VAL A 59 1.85 0.91 1.89
C VAL A 59 3.14 0.32 1.29
N LYS A 60 4.31 0.72 1.83
CA LYS A 60 5.62 0.20 1.39
C LYS A 60 5.74 -1.30 1.70
N ASP A 61 5.41 -1.64 2.95
CA ASP A 61 5.43 -3.02 3.45
C ASP A 61 4.42 -3.89 2.69
N ARG A 62 3.25 -3.30 2.39
CA ARG A 62 2.14 -3.99 1.71
C ARG A 62 2.53 -4.38 0.28
N CYS A 63 3.23 -3.48 -0.42
CA CYS A 63 3.75 -3.74 -1.78
C CYS A 63 4.82 -4.84 -1.73
N ARG A 64 5.72 -4.73 -0.73
CA ARG A 64 6.86 -5.67 -0.52
C ARG A 64 6.36 -7.12 -0.35
N LEU A 65 5.36 -7.32 0.52
CA LEU A 65 4.83 -8.67 0.83
C LEU A 65 3.91 -9.16 -0.30
N MET A 66 3.13 -8.24 -0.92
CA MET A 66 2.22 -8.58 -2.02
C MET A 66 2.97 -8.39 -3.35
N LYS A 67 3.83 -9.38 -3.66
CA LYS A 67 4.53 -9.48 -4.96
C LYS A 67 4.20 -10.85 -5.56
N ASP A 68 3.07 -10.89 -6.29
CA ASP A 68 2.52 -12.14 -6.88
C ASP A 68 3.38 -12.61 -8.08
N THR A 69 3.28 -13.91 -8.39
CA THR A 69 4.03 -14.54 -9.49
C THR A 69 3.62 -13.93 -10.84
N CYS A 70 4.63 -13.42 -11.58
CA CYS A 70 4.47 -12.73 -12.89
C CYS A 70 3.73 -11.38 -12.78
N ASN A 71 3.57 -10.88 -11.54
CA ASN A 71 2.86 -9.62 -11.24
C ASN A 71 3.64 -8.84 -10.18
N THR A 72 4.44 -7.85 -10.62
CA THR A 72 5.22 -7.00 -9.73
C THR A 72 4.31 -6.01 -8.98
N GLY A 73 3.76 -5.03 -9.71
CA GLY A 73 3.10 -3.88 -9.10
C GLY A 73 4.10 -2.97 -8.37
#